data_8VIY
#
_entry.id   8VIY
#
_cell.length_a   155.406
_cell.length_b   155.406
_cell.length_c   263.405
_cell.angle_alpha   90.000
_cell.angle_beta   90.000
_cell.angle_gamma   120.000
#
_symmetry.space_group_name_H-M   'H 3 2'
#
loop_
_entity.id
_entity.type
_entity.pdbx_description
1 polymer 'Polyunsaturated fatty acid lipoxygenase ALOX15B'
2 non-polymer 'FE (II) ION'
3 non-polymer (HYDROXYETHYLOXY)TRI(ETHYLOXY)OCTANE
4 non-polymer GLYCEROL
5 non-polymer 'SULFATE ION'
6 non-polymer 'CALCIUM ION'
7 water water
#
_entity_poly.entity_id   1
_entity_poly.type   'polypeptide(L)'
_entity_poly.pdbx_seq_one_letter_code
;MGSSHHHHHHSSGLVPRGSHMAEFRVRVSTGEAFGAGTWDKVSVSIVGTRGESPPLPLDNLGKEFTAGAEEDFQVTLPED
VGRVLLLRVHKAPPVLPLLGPLAPDAWFCRWFQLTPPRGGHLLFPCYQWLEGAGTLVLQEGTAKVSWADHHPVLQQQRQE
ELQARQEMYQWKAYNPGWPHCLDEKTVEDLELNIKYSTAKNANFYLQAGSAFAEMKIKGLLDRKGLWRSLNEMKRIFNFR
RTPAAEHAFEHWQEDAFFASQFLNGLNPVLIRRCHYLPKNFPVTDAMVASVLGPGTSLQAELEKGSLFLVDHGILSGIQT
NVINGKPQFSAAPMTLLYQSPGCGPLLPLAIQLSQTPGPNSPIFLPTDDKWDWLLAKTWVRNAEFSFHEALTHLLHSHLL
PEVFTLATLRQLPHCHPLFKLLIPHTRYTLHINTLARELLIVPGQVLDRSTGIGIEGFSELIQRNMKQLNYSLLCLPEDI
RTRGVEDIPGYYYRDDGMQIWGAVERFVSEIIGIYYPSDESVQDDRELQAWVREIFSKGFLNQESSGIPSSLETREALVQ
YVTMVIFTCSAKHAAVSAGQFDSCAWMPNLPPSMQLPPPTSKGLATCEGFIATLPPVNATCDVILALWLLSKEPGDQRPL
GTYPDEHFTEEAPRRSIATFQSRLAQISRGIQERNQGLVLPYTYLDPPLIENSVSI
;
_entity_poly.pdbx_strand_id   A
#
# COMPACT_ATOMS: atom_id res chain seq x y z
N ALA A 22 37.85 10.13 -29.71
CA ALA A 22 37.41 8.97 -30.46
C ALA A 22 37.32 7.71 -29.58
N GLU A 23 37.85 7.77 -28.35
CA GLU A 23 37.82 6.64 -27.43
C GLU A 23 36.77 6.86 -26.32
N PHE A 24 36.16 5.76 -25.90
CA PHE A 24 35.32 5.76 -24.71
C PHE A 24 35.60 4.51 -23.90
N ARG A 25 35.61 4.65 -22.59
CA ARG A 25 35.48 3.49 -21.73
C ARG A 25 34.01 3.28 -21.40
N VAL A 26 33.56 2.02 -21.52
CA VAL A 26 32.17 1.66 -21.22
C VAL A 26 32.18 0.73 -20.03
N ARG A 27 31.59 1.17 -18.92
CA ARG A 27 31.52 0.38 -17.70
C ARG A 27 30.09 -0.07 -17.49
N VAL A 28 29.88 -1.38 -17.36
CA VAL A 28 28.55 -1.95 -17.28
C VAL A 28 28.38 -2.70 -15.97
N SER A 29 27.22 -2.47 -15.33
CA SER A 29 26.82 -3.17 -14.12
C SER A 29 25.65 -4.08 -14.43
N THR A 30 25.79 -5.35 -14.05
CA THR A 30 24.77 -6.37 -14.22
C THR A 30 24.19 -6.70 -12.85
N GLY A 31 22.88 -7.01 -12.85
CA GLY A 31 22.18 -7.27 -11.62
C GLY A 31 22.62 -8.54 -10.92
N GLU A 32 22.28 -8.61 -9.64
CA GLU A 32 22.56 -9.76 -8.80
C GLU A 32 21.44 -10.80 -8.76
N ALA A 33 20.23 -10.48 -9.22
CA ALA A 33 19.12 -11.40 -9.08
C ALA A 33 19.41 -12.73 -9.82
N PHE A 34 18.68 -13.76 -9.42
CA PHE A 34 18.64 -14.99 -10.19
C PHE A 34 18.29 -14.73 -11.65
N GLY A 35 19.12 -15.28 -12.55
CA GLY A 35 18.96 -15.08 -13.97
C GLY A 35 19.43 -13.76 -14.51
N ALA A 36 20.02 -12.89 -13.68
CA ALA A 36 20.39 -11.56 -14.14
C ALA A 36 21.42 -11.60 -15.27
N GLY A 37 22.35 -12.52 -15.23
CA GLY A 37 23.43 -12.53 -16.19
C GLY A 37 23.00 -13.12 -17.50
N THR A 38 23.82 -12.87 -18.53
CA THR A 38 23.48 -13.28 -19.87
C THR A 38 24.65 -13.88 -20.62
N TRP A 39 24.32 -14.90 -21.43
CA TRP A 39 25.18 -15.43 -22.49
C TRP A 39 25.24 -14.51 -23.71
N ASP A 40 24.26 -13.65 -23.90
CA ASP A 40 24.11 -12.98 -25.19
C ASP A 40 25.19 -11.93 -25.40
N LYS A 41 25.38 -11.57 -26.66
CA LYS A 41 26.33 -10.54 -27.06
C LYS A 41 25.63 -9.19 -26.96
N VAL A 42 26.41 -8.17 -26.64
CA VAL A 42 25.86 -6.85 -26.33
C VAL A 42 26.68 -5.79 -27.03
N SER A 43 26.00 -4.82 -27.62
CA SER A 43 26.69 -3.74 -28.33
C SER A 43 25.90 -2.46 -28.12
N VAL A 44 26.63 -1.35 -28.14
CA VAL A 44 26.08 -0.03 -27.86
C VAL A 44 26.37 0.89 -29.03
N SER A 45 25.35 1.65 -29.41
CA SER A 45 25.47 2.78 -30.31
C SER A 45 25.36 4.05 -29.50
N ILE A 46 26.36 4.93 -29.63
CA ILE A 46 26.33 6.23 -28.98
C ILE A 46 25.76 7.24 -29.96
N VAL A 47 24.68 7.94 -29.57
CA VAL A 47 24.07 8.96 -30.41
C VAL A 47 24.43 10.33 -29.85
N GLY A 48 24.82 11.25 -30.73
CA GLY A 48 25.20 12.59 -30.30
C GLY A 48 24.60 13.64 -31.21
N THR A 49 24.84 14.90 -30.81
CA THR A 49 24.37 16.04 -31.56
C THR A 49 24.99 16.16 -32.95
N ARG A 50 26.18 15.58 -33.15
CA ARG A 50 26.82 15.57 -34.46
C ARG A 50 26.52 14.31 -35.28
N GLY A 51 25.96 13.28 -34.68
CA GLY A 51 25.65 12.07 -35.40
C GLY A 51 25.71 10.86 -34.48
N GLU A 52 25.51 9.69 -35.08
CA GLU A 52 25.36 8.43 -34.38
C GLU A 52 26.49 7.49 -34.78
N SER A 53 26.98 6.73 -33.82
CA SER A 53 28.07 5.82 -34.13
C SER A 53 27.57 4.46 -34.60
N PRO A 54 28.43 3.68 -35.23
CA PRO A 54 28.07 2.29 -35.52
C PRO A 54 27.88 1.52 -34.22
N PRO A 55 27.24 0.35 -34.28
CA PRO A 55 27.22 -0.51 -33.08
C PRO A 55 28.64 -0.91 -32.72
N LEU A 56 28.91 -0.88 -31.42
CA LEU A 56 30.24 -1.13 -30.88
C LEU A 56 30.20 -2.35 -29.97
N PRO A 57 31.02 -3.38 -30.20
CA PRO A 57 30.90 -4.61 -29.39
C PRO A 57 31.30 -4.40 -27.96
N LEU A 58 30.75 -5.22 -27.08
CA LEU A 58 31.18 -5.26 -25.69
C LEU A 58 31.55 -6.66 -25.18
N ASP A 59 31.70 -7.65 -26.08
CA ASP A 59 31.81 -9.02 -25.61
C ASP A 59 33.18 -9.32 -25.00
N ASN A 60 34.25 -8.69 -25.51
CA ASN A 60 35.56 -8.72 -24.89
C ASN A 60 36.02 -10.17 -24.71
N LEU A 61 36.26 -10.66 -23.49
CA LEU A 61 36.84 -11.98 -23.30
C LEU A 61 36.14 -12.71 -22.16
N GLY A 62 35.46 -13.79 -22.48
CA GLY A 62 34.80 -14.60 -21.49
C GLY A 62 33.34 -14.25 -21.30
N LYS A 63 32.83 -14.59 -20.11
CA LYS A 63 31.43 -14.38 -19.77
C LYS A 63 31.27 -13.08 -18.99
N GLU A 64 31.46 -11.98 -19.72
CA GLU A 64 31.59 -10.68 -19.06
C GLU A 64 30.33 -10.22 -18.35
N PHE A 65 29.18 -10.79 -18.70
CA PHE A 65 27.90 -10.25 -18.28
C PHE A 65 27.18 -11.19 -17.33
N THR A 66 27.92 -11.78 -16.41
CA THR A 66 27.30 -12.63 -15.42
C THR A 66 26.75 -11.81 -14.26
N ALA A 67 25.90 -12.47 -13.48
CA ALA A 67 25.25 -11.81 -12.37
C ALA A 67 26.24 -11.10 -11.46
N GLY A 68 25.84 -9.92 -10.98
CA GLY A 68 26.67 -9.10 -10.12
C GLY A 68 27.90 -8.52 -10.78
N ALA A 69 28.16 -8.82 -12.04
CA ALA A 69 29.38 -8.33 -12.68
C ALA A 69 29.34 -6.81 -12.86
N GLU A 70 30.52 -6.21 -12.84
CA GLU A 70 30.71 -4.82 -13.23
C GLU A 70 32.02 -4.78 -14.00
N GLU A 71 31.98 -4.41 -15.26
CA GLU A 71 33.18 -4.59 -16.07
C GLU A 71 33.29 -3.52 -17.12
N ASP A 72 34.53 -3.30 -17.54
CA ASP A 72 34.91 -2.20 -18.40
C ASP A 72 35.17 -2.71 -19.79
N PHE A 73 34.83 -1.90 -20.79
CA PHE A 73 35.12 -2.19 -22.19
C PHE A 73 35.62 -0.91 -22.86
N GLN A 74 36.55 -1.06 -23.78
CA GLN A 74 37.10 0.06 -24.51
C GLN A 74 36.56 0.01 -25.94
N VAL A 75 35.79 1.02 -26.29
CA VAL A 75 35.26 1.19 -27.64
C VAL A 75 35.90 2.41 -28.25
N THR A 76 36.26 2.31 -29.51
CA THR A 76 36.77 3.44 -30.27
C THR A 76 35.72 3.89 -31.28
N LEU A 77 35.41 5.21 -31.27
CA LEU A 77 34.46 5.72 -32.25
C LEU A 77 35.19 6.28 -33.46
N PRO A 78 34.85 5.80 -34.66
CA PRO A 78 35.52 6.34 -35.86
C PRO A 78 35.32 7.84 -36.03
N GLU A 79 34.07 8.27 -36.03
CA GLU A 79 33.70 9.67 -36.18
C GLU A 79 33.26 10.19 -34.82
N ASP A 80 33.55 11.46 -34.58
CA ASP A 80 33.12 12.13 -33.37
C ASP A 80 31.61 12.36 -33.39
N VAL A 81 30.97 12.28 -32.21
CA VAL A 81 29.51 12.42 -32.10
C VAL A 81 29.06 13.70 -31.41
N GLY A 82 29.97 14.50 -30.86
CA GLY A 82 29.54 15.70 -30.14
C GLY A 82 28.89 15.35 -28.82
N ARG A 83 28.14 16.32 -28.29
CA ARG A 83 27.46 16.11 -27.01
C ARG A 83 26.64 14.83 -27.08
N VAL A 84 26.83 13.98 -26.07
CA VAL A 84 26.16 12.68 -26.07
C VAL A 84 24.74 12.86 -25.58
N LEU A 85 23.81 12.24 -26.31
CA LEU A 85 22.37 12.40 -26.16
C LEU A 85 21.69 11.10 -25.77
N LEU A 86 21.99 10.00 -26.46
CA LEU A 86 21.34 8.73 -26.23
C LEU A 86 22.35 7.59 -26.32
N LEU A 87 22.12 6.55 -25.50
CA LEU A 87 22.85 5.28 -25.56
C LEU A 87 21.84 4.22 -26.01
N ARG A 88 22.06 3.67 -27.21
CA ARG A 88 21.25 2.52 -27.66
C ARG A 88 21.97 1.22 -27.29
N VAL A 89 21.29 0.36 -26.56
CA VAL A 89 21.86 -0.92 -26.13
C VAL A 89 21.18 -2.02 -26.91
N HIS A 90 21.96 -2.77 -27.67
CA HIS A 90 21.47 -3.88 -28.47
C HIS A 90 21.86 -5.21 -27.82
N LYS A 91 20.93 -6.16 -27.84
CA LYS A 91 21.17 -7.50 -27.31
C LYS A 91 20.78 -8.53 -28.35
N ALA A 92 21.65 -9.52 -28.58
CA ALA A 92 21.32 -10.63 -29.46
C ALA A 92 21.97 -11.93 -29.03
N PRO A 93 21.22 -13.04 -29.07
CA PRO A 93 21.83 -14.33 -28.71
C PRO A 93 22.99 -14.66 -29.65
N PRO A 94 23.99 -15.42 -29.15
CA PRO A 94 25.09 -15.84 -30.03
C PRO A 94 24.58 -16.53 -31.28
N VAL A 95 25.40 -16.57 -32.34
CA VAL A 95 24.99 -17.01 -33.66
C VAL A 95 25.96 -18.10 -34.10
N LEU A 96 25.44 -19.29 -34.34
CA LEU A 96 26.26 -20.40 -34.80
C LEU A 96 26.25 -20.47 -36.33
N PRO A 97 27.40 -20.55 -37.00
CA PRO A 97 27.36 -20.83 -38.44
C PRO A 97 26.51 -22.07 -38.68
N LEU A 98 25.65 -21.98 -39.70
CA LEU A 98 24.80 -23.06 -40.21
C LEU A 98 23.72 -23.54 -39.24
N LEU A 99 23.59 -22.95 -38.05
CA LEU A 99 22.61 -23.40 -37.08
C LEU A 99 21.73 -22.29 -36.52
N GLY A 100 21.98 -21.04 -36.90
CA GLY A 100 21.20 -19.93 -36.43
C GLY A 100 21.53 -19.51 -35.01
N PRO A 101 20.81 -18.53 -34.52
CA PRO A 101 20.98 -18.14 -33.11
C PRO A 101 20.41 -19.15 -32.11
N LEU A 102 20.54 -18.81 -30.84
CA LEU A 102 20.14 -19.62 -29.71
C LEU A 102 18.96 -18.97 -29.01
N ALA A 103 18.40 -19.66 -28.02
CA ALA A 103 17.34 -19.05 -27.23
C ALA A 103 17.88 -17.81 -26.51
N PRO A 104 17.17 -16.69 -26.53
CA PRO A 104 17.64 -15.51 -25.79
C PRO A 104 17.73 -15.78 -24.29
N ASP A 105 18.68 -15.08 -23.67
CA ASP A 105 19.07 -15.25 -22.28
C ASP A 105 18.84 -13.90 -21.61
N ALA A 106 17.78 -13.80 -20.80
CA ALA A 106 17.39 -12.53 -20.22
C ALA A 106 18.55 -11.88 -19.46
N TRP A 107 18.68 -10.57 -19.60
CA TRP A 107 19.75 -9.84 -18.95
C TRP A 107 19.14 -8.71 -18.15
N PHE A 108 19.50 -8.62 -16.87
CA PHE A 108 19.12 -7.46 -16.07
C PHE A 108 20.29 -6.48 -16.04
N CYS A 109 20.13 -5.35 -16.72
CA CYS A 109 21.15 -4.32 -16.76
C CYS A 109 20.87 -3.27 -15.70
N ARG A 110 21.87 -2.97 -14.90
CA ARG A 110 21.73 -1.93 -13.88
C ARG A 110 22.06 -0.55 -14.43
N TRP A 111 23.20 -0.39 -15.11
CA TRP A 111 23.59 0.90 -15.64
C TRP A 111 24.88 0.79 -16.45
N PHE A 112 25.10 1.80 -17.32
CA PHE A 112 26.28 1.97 -18.14
C PHE A 112 26.97 3.27 -17.73
N GLN A 113 28.27 3.33 -17.91
CA GLN A 113 29.01 4.57 -17.68
C GLN A 113 29.94 4.80 -18.85
N LEU A 114 29.78 5.92 -19.51
CA LEU A 114 30.68 6.32 -20.58
C LEU A 114 31.70 7.28 -20.00
N THR A 115 32.94 7.16 -20.44
CA THR A 115 33.99 8.06 -20.01
C THR A 115 34.75 8.51 -21.25
N PRO A 116 34.55 9.76 -21.68
CA PRO A 116 35.23 10.24 -22.89
C PRO A 116 36.67 10.58 -22.60
N PRO A 117 37.46 10.80 -23.65
CA PRO A 117 38.86 11.22 -23.43
C PRO A 117 38.90 12.49 -22.60
N ARG A 118 39.59 12.40 -21.46
CA ARG A 118 39.85 13.55 -20.58
C ARG A 118 38.57 14.31 -20.27
N GLY A 119 37.54 13.57 -19.88
CA GLY A 119 36.25 14.15 -19.56
C GLY A 119 35.64 13.47 -18.36
N GLY A 120 34.56 14.07 -17.86
CA GLY A 120 33.85 13.51 -16.75
C GLY A 120 33.10 12.27 -17.17
N HIS A 121 32.27 11.77 -16.27
CA HIS A 121 31.54 10.54 -16.55
C HIS A 121 30.10 10.83 -16.92
N LEU A 122 29.65 10.17 -17.97
CA LEU A 122 28.24 10.09 -18.30
C LEU A 122 27.70 8.78 -17.74
N LEU A 123 26.66 8.87 -16.94
CA LEU A 123 26.06 7.72 -16.26
C LEU A 123 24.65 7.52 -16.80
N PHE A 124 24.32 6.29 -17.20
CA PHE A 124 23.05 5.97 -17.86
C PHE A 124 22.28 4.95 -17.02
N PRO A 125 21.53 5.39 -16.03
CA PRO A 125 20.72 4.46 -15.24
C PRO A 125 19.77 3.64 -16.10
N CYS A 126 19.67 2.35 -15.79
CA CYS A 126 18.84 1.45 -16.59
C CYS A 126 17.86 0.66 -15.73
N TYR A 127 18.38 -0.23 -14.88
CA TYR A 127 17.57 -1.01 -13.95
C TYR A 127 16.35 -1.64 -14.62
N GLN A 128 16.59 -2.39 -15.69
CA GLN A 128 15.49 -3.13 -16.31
C GLN A 128 16.01 -4.41 -16.96
N TRP A 129 15.06 -5.26 -17.36
CA TRP A 129 15.36 -6.55 -17.97
C TRP A 129 15.31 -6.37 -19.47
N LEU A 130 16.30 -6.89 -20.17
CA LEU A 130 16.32 -7.02 -21.62
C LEU A 130 16.07 -8.52 -21.90
N GLU A 131 14.82 -8.94 -21.79
CA GLU A 131 14.42 -10.27 -22.17
C GLU A 131 14.37 -10.35 -23.69
N GLY A 132 14.84 -11.44 -24.26
CA GLY A 132 14.83 -11.61 -25.71
C GLY A 132 15.72 -10.56 -26.39
N ALA A 133 15.64 -10.59 -27.73
CA ALA A 133 16.53 -9.77 -28.55
C ALA A 133 15.83 -8.51 -29.01
N GLY A 134 16.54 -7.39 -28.93
CA GLY A 134 15.94 -6.09 -29.19
C GLY A 134 16.93 -4.99 -28.83
N THR A 135 16.40 -3.78 -28.79
CA THR A 135 17.25 -2.63 -28.50
C THR A 135 16.53 -1.72 -27.51
N LEU A 136 17.33 -1.16 -26.61
CA LEU A 136 16.85 -0.33 -25.52
C LEU A 136 17.62 0.98 -25.54
N VAL A 137 16.89 2.08 -25.49
CA VAL A 137 17.45 3.43 -25.64
C VAL A 137 17.42 4.10 -24.28
N LEU A 138 18.56 4.67 -23.89
CA LEU A 138 18.77 5.24 -22.57
C LEU A 138 19.27 6.68 -22.69
N GLN A 139 18.64 7.59 -21.97
CA GLN A 139 19.19 8.93 -21.83
C GLN A 139 20.17 8.93 -20.67
N GLU A 140 21.12 9.86 -20.71
CA GLU A 140 21.96 10.13 -19.56
C GLU A 140 21.13 10.34 -18.30
N GLY A 141 21.78 10.18 -17.14
CA GLY A 141 21.09 10.12 -15.87
C GLY A 141 20.57 11.42 -15.34
N THR A 142 21.03 12.55 -15.88
CA THR A 142 20.51 13.85 -15.46
C THR A 142 19.00 13.89 -15.72
N ALA A 143 18.23 14.15 -14.67
CA ALA A 143 16.80 14.17 -14.81
C ALA A 143 16.39 15.36 -15.66
N LYS A 144 15.49 15.11 -16.60
CA LYS A 144 15.08 16.09 -17.60
C LYS A 144 13.55 16.13 -17.69
N VAL A 145 12.96 17.23 -17.20
CA VAL A 145 11.59 17.55 -17.59
C VAL A 145 11.57 17.84 -19.09
N SER A 146 10.39 17.67 -19.69
CA SER A 146 10.26 17.84 -21.13
C SER A 146 10.87 19.17 -21.59
N TRP A 147 10.52 20.27 -20.90
CA TRP A 147 11.07 21.54 -21.37
C TRP A 147 12.55 21.73 -21.02
N ALA A 148 13.20 20.77 -20.39
CA ALA A 148 14.56 21.02 -19.93
C ALA A 148 15.61 20.87 -21.03
N ASP A 149 15.45 19.91 -21.93
CA ASP A 149 16.33 19.80 -23.08
C ASP A 149 15.46 19.58 -24.31
N HIS A 150 15.41 20.59 -25.15
CA HIS A 150 14.57 20.63 -26.30
C HIS A 150 15.20 19.97 -27.51
N HIS A 151 16.36 19.35 -27.36
CA HIS A 151 16.96 18.72 -28.53
C HIS A 151 15.95 17.74 -29.13
N PRO A 152 15.71 17.78 -30.44
CA PRO A 152 14.65 16.93 -31.02
C PRO A 152 14.91 15.45 -30.87
N VAL A 153 16.17 15.03 -30.97
CA VAL A 153 16.51 13.62 -30.80
C VAL A 153 16.01 13.12 -29.44
N LEU A 154 16.11 13.96 -28.40
CA LEU A 154 15.65 13.58 -27.07
C LEU A 154 14.13 13.63 -26.95
N GLN A 155 13.48 14.61 -27.61
CA GLN A 155 12.03 14.70 -27.55
C GLN A 155 11.39 13.48 -28.23
N GLN A 156 11.94 13.08 -29.38
CA GLN A 156 11.51 11.85 -30.05
C GLN A 156 11.63 10.64 -29.12
N GLN A 157 12.78 10.47 -28.48
CA GLN A 157 12.96 9.30 -27.63
C GLN A 157 11.90 9.25 -26.52
N ARG A 158 11.63 10.39 -25.85
CA ARG A 158 10.65 10.35 -24.77
C ARG A 158 9.29 9.98 -25.32
N GLN A 159 8.96 10.57 -26.46
CA GLN A 159 7.66 10.37 -27.06
C GLN A 159 7.48 8.93 -27.44
N GLU A 160 8.50 8.34 -28.08
CA GLU A 160 8.43 6.94 -28.49
C GLU A 160 8.34 6.03 -27.27
N GLU A 161 9.09 6.35 -26.21
CA GLU A 161 9.06 5.54 -25.00
C GLU A 161 7.64 5.50 -24.42
N LEU A 162 7.00 6.67 -24.28
CA LEU A 162 5.67 6.65 -23.67
C LEU A 162 4.65 5.95 -24.56
N GLN A 163 4.83 6.01 -25.87
CA GLN A 163 3.95 5.26 -26.75
C GLN A 163 4.09 3.77 -26.51
N ALA A 164 5.33 3.32 -26.40
CA ALA A 164 5.61 1.92 -26.12
C ALA A 164 5.09 1.50 -24.75
N ARG A 165 5.28 2.33 -23.73
CA ARG A 165 4.74 2.00 -22.40
C ARG A 165 3.22 1.87 -22.45
N GLN A 166 2.56 2.75 -23.18
CA GLN A 166 1.10 2.75 -23.20
C GLN A 166 0.56 1.54 -23.93
N GLU A 167 1.31 0.99 -24.88
CA GLU A 167 0.90 -0.26 -25.46
C GLU A 167 1.17 -1.41 -24.50
N MET A 168 2.27 -1.33 -23.75
CA MET A 168 2.66 -2.40 -22.84
C MET A 168 1.66 -2.55 -21.70
N TYR A 169 1.24 -1.42 -21.14
CA TYR A 169 0.59 -1.35 -19.85
C TYR A 169 -0.71 -0.59 -20.04
N GLN A 170 -1.81 -1.32 -20.11
CA GLN A 170 -3.07 -0.69 -20.47
C GLN A 170 -4.07 -0.83 -19.33
N TRP A 171 -5.17 -0.12 -19.49
CA TRP A 171 -6.22 -0.08 -18.49
C TRP A 171 -7.31 -1.07 -18.86
N LYS A 172 -7.95 -1.63 -17.86
CA LYS A 172 -9.23 -2.28 -18.05
C LYS A 172 -10.15 -1.81 -16.95
N ALA A 173 -11.44 -1.92 -17.23
CA ALA A 173 -12.48 -1.75 -16.23
C ALA A 173 -12.67 -3.09 -15.55
N TYR A 174 -12.58 -3.09 -14.24
CA TYR A 174 -12.69 -4.34 -13.50
C TYR A 174 -14.13 -4.58 -13.07
N ASN A 175 -14.69 -3.64 -12.34
CA ASN A 175 -16.10 -3.64 -11.98
C ASN A 175 -16.64 -2.23 -12.14
N PRO A 176 -17.95 -2.08 -12.32
CA PRO A 176 -18.54 -0.75 -12.30
C PRO A 176 -18.28 -0.08 -10.97
N GLY A 177 -17.94 1.21 -11.03
CA GLY A 177 -17.74 2.05 -9.88
C GLY A 177 -16.45 1.82 -9.13
N TRP A 178 -15.56 0.93 -9.66
CA TRP A 178 -14.24 0.81 -9.09
C TRP A 178 -13.22 1.61 -9.86
N PRO A 179 -12.07 1.86 -9.27
CA PRO A 179 -10.96 2.35 -10.08
C PRO A 179 -10.59 1.31 -11.12
N HIS A 180 -10.11 1.79 -12.25
CA HIS A 180 -9.65 0.90 -13.29
C HIS A 180 -8.33 0.31 -12.86
N CYS A 181 -7.94 -0.78 -13.51
CA CYS A 181 -6.75 -1.52 -13.12
C CYS A 181 -6.05 -2.00 -14.39
N LEU A 182 -4.96 -2.74 -14.18
CA LEU A 182 -4.13 -3.20 -15.28
C LEU A 182 -4.83 -4.25 -16.12
N ASP A 183 -4.68 -4.11 -17.43
CA ASP A 183 -5.34 -5.00 -18.37
C ASP A 183 -4.53 -6.28 -18.57
N GLU A 184 -4.40 -7.04 -17.48
CA GLU A 184 -3.74 -8.35 -17.50
C GLU A 184 -4.48 -9.32 -16.59
N LYS A 185 -4.54 -10.58 -16.98
CA LYS A 185 -5.40 -11.58 -16.35
C LYS A 185 -4.67 -12.40 -15.31
N THR A 186 -3.41 -12.68 -15.55
CA THR A 186 -2.68 -13.58 -14.66
C THR A 186 -1.28 -13.03 -14.46
N VAL A 187 -0.70 -13.37 -13.31
CA VAL A 187 0.68 -13.02 -13.03
C VAL A 187 1.64 -13.61 -14.08
N GLU A 188 1.23 -14.66 -14.78
CA GLU A 188 2.11 -15.26 -15.78
C GLU A 188 2.33 -14.33 -16.96
N ASP A 189 1.33 -13.51 -17.29
CA ASP A 189 1.37 -12.68 -18.48
C ASP A 189 2.10 -11.36 -18.29
N LEU A 190 2.68 -11.13 -17.11
CA LEU A 190 3.28 -9.84 -16.85
C LEU A 190 4.73 -9.80 -17.33
N GLU A 191 5.14 -8.62 -17.76
CA GLU A 191 6.51 -8.28 -18.04
C GLU A 191 7.43 -8.56 -16.87
N LEU A 192 8.62 -9.11 -17.18
CA LEU A 192 9.63 -9.33 -16.17
C LEU A 192 9.83 -8.11 -15.30
N ASN A 193 9.79 -6.93 -15.91
CA ASN A 193 10.11 -5.69 -15.21
C ASN A 193 9.12 -5.33 -14.12
N ILE A 194 7.94 -5.95 -14.09
CA ILE A 194 6.98 -5.67 -13.02
C ILE A 194 6.65 -6.90 -12.23
N LYS A 195 7.39 -8.00 -12.43
CA LYS A 195 7.12 -9.21 -11.70
C LYS A 195 7.92 -9.28 -10.41
N TYR A 196 7.32 -9.96 -9.42
CA TYR A 196 8.07 -10.49 -8.29
C TYR A 196 9.40 -11.06 -8.76
N SER A 197 10.47 -10.77 -8.01
CA SER A 197 11.72 -11.48 -8.24
C SER A 197 11.47 -12.96 -7.99
N THR A 198 12.29 -13.80 -8.62
CA THR A 198 12.11 -15.23 -8.37
C THR A 198 12.37 -15.55 -6.90
N ALA A 199 13.25 -14.78 -6.23
CA ALA A 199 13.54 -15.04 -4.82
C ALA A 199 12.36 -14.66 -3.94
N LYS A 200 11.77 -13.49 -4.19
CA LYS A 200 10.63 -13.06 -3.38
C LYS A 200 9.43 -13.95 -3.63
N ASN A 201 9.28 -14.44 -4.85
CA ASN A 201 8.16 -15.30 -5.18
C ASN A 201 8.29 -16.65 -4.50
N ALA A 202 9.50 -17.21 -4.46
CA ALA A 202 9.63 -18.52 -3.84
C ALA A 202 9.49 -18.41 -2.32
N ASN A 203 10.10 -17.40 -1.73
CA ASN A 203 9.88 -17.11 -0.32
C ASN A 203 8.39 -17.03 -0.01
N PHE A 204 7.61 -16.43 -0.90
CA PHE A 204 6.18 -16.30 -0.68
C PHE A 204 5.47 -17.65 -0.73
N TYR A 205 5.74 -18.44 -1.75
CA TYR A 205 5.02 -19.70 -1.87
C TYR A 205 5.47 -20.71 -0.83
N LEU A 206 6.70 -20.61 -0.30
CA LEU A 206 7.09 -21.56 0.75
C LEU A 206 6.40 -21.23 2.05
N GLN A 207 6.27 -19.93 2.37
CA GLN A 207 5.49 -19.49 3.52
C GLN A 207 4.06 -19.98 3.42
N ALA A 208 3.38 -19.57 2.34
CA ALA A 208 1.98 -19.92 2.18
C ALA A 208 1.82 -21.43 2.18
N GLY A 209 2.66 -22.12 1.40
CA GLY A 209 2.65 -23.58 1.43
C GLY A 209 2.78 -24.16 2.83
N SER A 210 3.86 -23.77 3.54
CA SER A 210 4.05 -24.32 4.88
C SER A 210 2.85 -24.04 5.77
N ALA A 211 2.36 -22.78 5.74
CA ALA A 211 1.24 -22.39 6.58
C ALA A 211 -0.04 -23.13 6.21
N PHE A 212 -0.31 -23.28 4.92
CA PHE A 212 -1.50 -24.04 4.55
C PHE A 212 -1.38 -25.49 5.03
N ALA A 213 -0.18 -26.06 4.94
CA ALA A 213 0.01 -27.44 5.40
C ALA A 213 -0.28 -27.57 6.88
N GLU A 214 0.29 -26.67 7.70
N GLU A 214 0.36 -26.75 7.71
CA GLU A 214 0.08 -26.73 9.15
CA GLU A 214 0.04 -26.76 9.13
C GLU A 214 -1.37 -26.47 9.54
C GLU A 214 -1.47 -26.72 9.33
N MET A 215 -2.13 -25.73 8.73
CA MET A 215 -3.53 -25.47 9.05
C MET A 215 -4.44 -26.59 8.57
N LYS A 216 -4.16 -27.16 7.40
CA LYS A 216 -4.93 -28.29 6.89
C LYS A 216 -4.73 -29.55 7.73
N ILE A 217 -3.48 -29.91 8.06
CA ILE A 217 -3.27 -31.20 8.72
C ILE A 217 -3.88 -31.23 10.14
N LYS A 218 -4.15 -30.09 10.76
CA LYS A 218 -4.93 -30.09 12.00
C LYS A 218 -6.44 -30.21 11.78
N GLY A 219 -6.87 -30.49 10.55
CA GLY A 219 -8.30 -30.52 10.23
C GLY A 219 -9.06 -29.22 10.43
N LEU A 220 -8.38 -28.11 10.62
CA LEU A 220 -9.12 -26.92 11.01
C LEU A 220 -9.75 -26.21 9.81
N LEU A 221 -9.13 -26.32 8.64
CA LEU A 221 -9.72 -25.83 7.41
C LEU A 221 -10.93 -26.66 6.96
N ASP A 222 -11.20 -27.78 7.60
CA ASP A 222 -12.27 -28.67 7.17
C ASP A 222 -13.35 -28.86 8.22
N ARG A 223 -13.19 -28.30 9.40
CA ARG A 223 -14.24 -28.33 10.41
C ARG A 223 -15.30 -27.29 10.06
N LYS A 224 -16.44 -27.73 9.57
CA LYS A 224 -17.62 -26.88 9.67
C LYS A 224 -18.09 -26.96 11.12
N GLY A 225 -18.92 -26.04 11.51
CA GLY A 225 -19.39 -26.06 12.87
C GLY A 225 -18.58 -25.14 13.78
N LEU A 226 -19.13 -24.91 14.96
CA LEU A 226 -18.59 -23.88 15.83
C LEU A 226 -17.36 -24.37 16.56
N TRP A 227 -16.57 -23.42 17.01
CA TRP A 227 -15.62 -23.70 18.07
C TRP A 227 -16.33 -24.28 19.28
N ARG A 228 -15.63 -25.17 19.97
CA ARG A 228 -16.22 -25.86 21.11
C ARG A 228 -16.33 -24.94 22.32
N SER A 229 -15.50 -23.92 22.41
CA SER A 229 -15.46 -23.03 23.56
C SER A 229 -14.52 -21.90 23.21
N LEU A 230 -14.45 -20.91 24.11
CA LEU A 230 -13.47 -19.84 23.90
C LEU A 230 -12.06 -20.36 24.09
N ASN A 231 -11.87 -21.26 25.06
CA ASN A 231 -10.55 -21.85 25.22
C ASN A 231 -10.07 -22.47 23.91
N GLU A 232 -10.92 -23.19 23.18
CA GLU A 232 -10.41 -23.88 22.01
C GLU A 232 -9.84 -22.91 20.98
N MET A 233 -10.39 -21.69 20.91
CA MET A 233 -9.91 -20.72 19.92
C MET A 233 -8.45 -20.32 20.17
N LYS A 234 -7.92 -20.58 21.37
CA LYS A 234 -6.50 -20.37 21.61
C LYS A 234 -5.65 -21.30 20.74
N ARG A 235 -6.23 -22.37 20.19
CA ARG A 235 -5.45 -23.27 19.34
C ARG A 235 -4.71 -22.49 18.24
N ILE A 236 -5.22 -21.30 17.85
CA ILE A 236 -4.59 -20.53 16.79
C ILE A 236 -3.15 -20.19 17.16
N PHE A 237 -2.84 -20.11 18.46
CA PHE A 237 -1.48 -19.82 18.89
C PHE A 237 -0.51 -20.98 18.68
N ASN A 238 -1.00 -22.20 18.47
CA ASN A 238 -0.10 -23.27 18.02
C ASN A 238 0.15 -23.20 16.51
N PHE A 239 -0.67 -22.46 15.77
CA PHE A 239 -0.30 -22.08 14.41
C PHE A 239 0.77 -21.00 14.40
N ARG A 240 0.46 -19.83 14.95
CA ARG A 240 1.42 -18.72 14.91
C ARG A 240 1.14 -17.83 16.12
N ARG A 241 2.20 -17.17 16.59
CA ARG A 241 2.23 -16.45 17.85
C ARG A 241 2.98 -15.15 17.59
N THR A 242 2.45 -14.04 18.06
CA THR A 242 3.23 -12.84 18.25
C THR A 242 2.84 -12.30 19.60
N PRO A 243 3.69 -11.51 20.23
CA PRO A 243 3.26 -10.85 21.48
C PRO A 243 2.08 -9.90 21.28
N ALA A 244 2.05 -9.12 20.20
CA ALA A 244 0.85 -8.30 20.01
C ALA A 244 -0.39 -9.19 19.99
N ALA A 245 -0.33 -10.36 19.38
CA ALA A 245 -1.57 -11.14 19.24
C ALA A 245 -1.96 -11.81 20.56
N GLU A 246 -0.98 -12.21 21.37
CA GLU A 246 -1.30 -12.75 22.69
C GLU A 246 -1.86 -11.65 23.57
N HIS A 247 -1.44 -10.40 23.35
CA HIS A 247 -1.98 -9.31 24.14
C HIS A 247 -3.47 -9.17 23.90
N ALA A 248 -3.90 -9.33 22.65
CA ALA A 248 -5.31 -9.25 22.30
C ALA A 248 -6.10 -10.37 22.99
N PHE A 249 -5.55 -11.58 23.08
CA PHE A 249 -6.25 -12.59 23.89
C PHE A 249 -6.35 -12.15 25.36
N GLU A 250 -5.28 -11.58 25.89
CA GLU A 250 -5.27 -11.28 27.31
C GLU A 250 -6.24 -10.18 27.65
N HIS A 251 -6.35 -9.18 26.77
CA HIS A 251 -7.01 -7.93 27.11
C HIS A 251 -8.28 -7.71 26.30
N TRP A 252 -8.74 -8.69 25.51
CA TRP A 252 -9.78 -8.37 24.53
C TRP A 252 -11.06 -7.84 25.17
N GLN A 253 -11.34 -8.24 26.39
CA GLN A 253 -12.59 -7.87 27.04
C GLN A 253 -12.54 -6.48 27.65
N GLU A 254 -11.36 -5.88 27.78
CA GLU A 254 -11.25 -4.58 28.45
C GLU A 254 -11.69 -3.47 27.52
N ASP A 255 -12.54 -2.60 28.05
CA ASP A 255 -13.04 -1.45 27.29
C ASP A 255 -11.93 -0.56 26.78
N ALA A 256 -10.87 -0.35 27.57
CA ALA A 256 -9.79 0.54 27.16
C ALA A 256 -9.02 -0.01 25.98
N PHE A 257 -8.98 -1.34 25.81
CA PHE A 257 -8.29 -1.97 24.68
C PHE A 257 -9.17 -1.98 23.43
N PHE A 258 -10.47 -2.22 23.61
CA PHE A 258 -11.41 -2.05 22.53
C PHE A 258 -11.29 -0.64 21.97
N ALA A 259 -11.21 0.36 22.84
CA ALA A 259 -11.15 1.73 22.37
C ALA A 259 -9.78 2.07 21.79
N SER A 260 -8.71 1.59 22.41
CA SER A 260 -7.36 1.94 21.98
C SER A 260 -7.09 1.43 20.56
N GLN A 261 -7.77 0.36 20.13
CA GLN A 261 -7.54 -0.14 18.78
C GLN A 261 -8.13 0.73 17.70
N PHE A 262 -9.01 1.69 18.05
CA PHE A 262 -9.46 2.67 17.07
C PHE A 262 -8.36 3.69 16.78
N LEU A 263 -7.41 3.85 17.69
CA LEU A 263 -6.25 4.71 17.47
C LEU A 263 -5.02 3.96 16.99
N ASN A 264 -4.66 2.81 17.62
CA ASN A 264 -3.41 2.15 17.30
C ASN A 264 -3.55 0.71 16.82
N GLY A 265 -4.71 0.32 16.38
CA GLY A 265 -4.85 -1.03 15.90
C GLY A 265 -4.91 -1.12 14.39
N LEU A 266 -5.75 -2.02 13.92
CA LEU A 266 -5.76 -2.38 12.50
C LEU A 266 -6.21 -1.22 11.62
N ASN A 267 -7.20 -0.45 12.07
CA ASN A 267 -7.96 0.47 11.23
C ASN A 267 -8.05 1.86 11.85
N PRO A 268 -6.95 2.56 11.98
CA PRO A 268 -6.95 3.74 12.87
C PRO A 268 -7.41 5.03 12.24
N VAL A 269 -8.37 4.98 11.30
CA VAL A 269 -8.65 6.09 10.41
C VAL A 269 -10.08 6.60 10.49
N LEU A 270 -10.93 6.03 11.35
CA LEU A 270 -12.32 6.47 11.40
C LEU A 270 -12.68 7.36 12.58
N ILE A 271 -12.00 7.22 13.73
CA ILE A 271 -12.45 7.93 14.90
C ILE A 271 -12.47 9.44 14.59
N ARG A 272 -13.55 10.12 15.00
CA ARG A 272 -13.58 11.55 14.76
C ARG A 272 -14.34 12.27 15.85
N ARG A 273 -13.91 13.50 16.12
CA ARG A 273 -14.51 14.28 17.20
C ARG A 273 -15.94 14.64 16.84
N CYS A 274 -16.78 14.70 17.86
CA CYS A 274 -18.22 14.76 17.67
C CYS A 274 -18.74 15.87 18.56
N HIS A 275 -19.23 16.95 17.94
CA HIS A 275 -19.96 18.01 18.64
C HIS A 275 -21.47 17.89 18.50
N TYR A 276 -21.94 17.07 17.58
CA TYR A 276 -23.35 16.94 17.26
C TYR A 276 -23.61 15.47 16.97
N LEU A 277 -24.34 14.83 17.85
CA LEU A 277 -24.64 13.43 17.66
C LEU A 277 -25.59 13.24 16.50
N PRO A 278 -25.27 12.41 15.53
CA PRO A 278 -26.26 12.06 14.50
C PRO A 278 -27.65 11.79 15.09
N LYS A 279 -28.69 12.27 14.40
CA LYS A 279 -30.05 12.13 14.93
C LYS A 279 -30.44 10.64 14.99
N ASN A 280 -29.83 9.80 14.15
CA ASN A 280 -30.20 8.40 14.13
C ASN A 280 -29.50 7.59 15.22
N PHE A 281 -28.75 8.28 16.09
CA PHE A 281 -28.02 7.67 17.21
C PHE A 281 -28.49 8.35 18.50
N PRO A 282 -29.69 8.01 18.95
CA PRO A 282 -30.33 8.78 20.02
C PRO A 282 -29.82 8.46 21.41
N VAL A 283 -28.57 8.85 21.69
CA VAL A 283 -27.95 8.63 23.00
C VAL A 283 -28.53 9.64 23.99
N THR A 284 -28.75 9.22 25.23
CA THR A 284 -29.30 10.12 26.21
C THR A 284 -28.35 10.35 27.36
N ASP A 285 -28.66 11.41 28.10
CA ASP A 285 -27.94 11.77 29.30
C ASP A 285 -27.96 10.64 30.32
N ALA A 286 -29.13 10.03 30.52
CA ALA A 286 -29.21 8.91 31.44
C ALA A 286 -28.26 7.79 31.02
N MET A 287 -28.19 7.54 29.71
CA MET A 287 -27.41 6.41 29.24
C MET A 287 -25.93 6.57 29.55
N VAL A 288 -25.46 7.79 29.80
CA VAL A 288 -24.03 8.04 29.99
C VAL A 288 -23.71 8.68 31.32
N ALA A 289 -24.71 9.10 32.10
CA ALA A 289 -24.46 9.47 33.49
C ALA A 289 -23.57 8.46 34.15
N SER A 290 -23.81 7.20 33.85
CA SER A 290 -22.97 6.15 34.40
C SER A 290 -21.48 6.44 34.23
N VAL A 291 -20.98 6.37 33.01
CA VAL A 291 -19.55 6.57 32.79
C VAL A 291 -19.08 8.00 33.12
N LEU A 292 -19.94 9.00 32.94
CA LEU A 292 -19.44 10.37 32.91
C LEU A 292 -19.40 11.04 34.28
N GLY A 293 -20.02 10.43 35.29
CA GLY A 293 -20.14 11.06 36.59
C GLY A 293 -21.23 12.11 36.61
N PRO A 294 -21.77 12.40 37.79
CA PRO A 294 -22.89 13.34 37.90
C PRO A 294 -22.50 14.79 37.73
N GLY A 295 -21.20 15.07 37.62
CA GLY A 295 -20.74 16.44 37.46
C GLY A 295 -20.86 17.02 36.08
N THR A 296 -21.59 16.39 35.17
CA THR A 296 -21.62 16.83 33.77
C THR A 296 -22.83 16.24 33.05
N SER A 297 -22.83 16.34 31.73
CA SER A 297 -23.95 15.99 30.89
C SER A 297 -23.44 15.74 29.49
N LEU A 298 -24.24 14.99 28.73
CA LEU A 298 -23.89 14.69 27.34
C LEU A 298 -23.60 15.97 26.55
N GLN A 299 -24.51 16.94 26.66
CA GLN A 299 -24.35 18.18 25.89
C GLN A 299 -23.09 18.91 26.34
N ALA A 300 -22.79 18.86 27.64
CA ALA A 300 -21.59 19.53 28.13
C ALA A 300 -20.32 18.85 27.64
N GLU A 301 -20.36 17.55 27.42
CA GLU A 301 -19.15 16.89 26.93
C GLU A 301 -19.02 17.03 25.42
N LEU A 302 -20.14 16.97 24.69
CA LEU A 302 -20.07 17.28 23.27
C LEU A 302 -19.39 18.63 23.07
N GLU A 303 -19.78 19.62 23.88
CA GLU A 303 -19.21 20.95 23.68
C GLU A 303 -17.74 20.96 24.08
N LYS A 304 -17.41 20.33 25.22
CA LYS A 304 -16.02 20.28 25.66
C LYS A 304 -15.09 19.62 24.65
N GLY A 305 -15.63 18.89 23.67
CA GLY A 305 -14.77 18.16 22.74
C GLY A 305 -14.15 16.88 23.27
N SER A 306 -14.78 16.24 24.24
CA SER A 306 -14.26 15.00 24.78
C SER A 306 -14.94 13.78 24.18
N LEU A 307 -15.92 13.94 23.29
CA LEU A 307 -16.67 12.83 22.73
C LEU A 307 -16.24 12.59 21.29
N PHE A 308 -16.08 11.33 20.95
CA PHE A 308 -15.60 10.89 19.66
C PHE A 308 -16.54 9.80 19.14
N LEU A 309 -16.61 9.70 17.83
CA LEU A 309 -17.53 8.79 17.17
C LEU A 309 -16.74 7.94 16.18
N VAL A 310 -17.10 6.68 16.11
CA VAL A 310 -16.65 5.78 15.07
C VAL A 310 -17.91 5.33 14.38
N ASP A 311 -18.09 5.71 13.11
CA ASP A 311 -19.35 5.52 12.39
C ASP A 311 -19.13 4.55 11.25
N HIS A 312 -19.72 3.35 11.36
CA HIS A 312 -19.58 2.31 10.36
C HIS A 312 -20.74 2.29 9.39
N GLY A 313 -21.39 3.44 9.18
CA GLY A 313 -22.65 3.46 8.44
C GLY A 313 -22.56 3.02 6.99
N ILE A 314 -21.38 3.08 6.39
CA ILE A 314 -21.23 2.70 5.00
C ILE A 314 -21.54 1.23 4.75
N LEU A 315 -21.61 0.43 5.82
CA LEU A 315 -21.93 -1.00 5.75
C LEU A 315 -23.44 -1.26 5.68
N SER A 316 -24.26 -0.25 5.95
CA SER A 316 -25.70 -0.46 6.09
C SER A 316 -26.29 -1.16 4.87
N GLY A 317 -27.02 -2.24 5.11
CA GLY A 317 -27.75 -2.90 4.03
C GLY A 317 -26.88 -3.64 3.03
N ILE A 318 -25.64 -3.92 3.40
CA ILE A 318 -24.67 -4.54 2.52
C ILE A 318 -25.03 -5.99 2.25
N GLN A 319 -24.77 -6.40 1.02
CA GLN A 319 -25.00 -7.79 0.61
C GLN A 319 -24.13 -8.69 1.47
N THR A 320 -24.70 -9.77 1.98
CA THR A 320 -23.98 -10.69 2.82
C THR A 320 -23.87 -12.06 2.15
N ASN A 321 -22.90 -12.82 2.65
CA ASN A 321 -22.38 -14.04 2.07
C ASN A 321 -23.04 -15.25 2.69
N VAL A 322 -22.71 -16.42 2.16
CA VAL A 322 -23.11 -17.70 2.73
C VAL A 322 -21.84 -18.47 3.05
N ILE A 323 -21.82 -19.14 4.21
CA ILE A 323 -20.67 -19.90 4.64
C ILE A 323 -21.15 -21.26 5.13
N ASN A 324 -20.61 -22.33 4.56
CA ASN A 324 -21.07 -23.69 4.81
C ASN A 324 -22.59 -23.76 4.73
N GLY A 325 -23.14 -23.14 3.68
CA GLY A 325 -24.56 -23.10 3.48
C GLY A 325 -25.36 -22.38 4.54
N LYS A 326 -24.71 -21.53 5.33
CA LYS A 326 -25.40 -20.79 6.38
C LYS A 326 -25.30 -19.30 6.11
N PRO A 327 -26.43 -18.60 5.98
CA PRO A 327 -26.37 -17.15 5.72
C PRO A 327 -25.64 -16.46 6.85
N GLN A 328 -24.89 -15.42 6.49
CA GLN A 328 -24.16 -14.63 7.47
C GLN A 328 -24.72 -13.21 7.55
N PHE A 329 -24.24 -12.49 8.56
CA PHE A 329 -24.78 -11.19 8.89
C PHE A 329 -23.66 -10.19 9.10
N SER A 330 -24.01 -8.93 8.85
CA SER A 330 -23.16 -7.79 9.09
C SER A 330 -24.03 -6.70 9.66
N ALA A 331 -23.47 -5.97 10.61
CA ALA A 331 -24.07 -4.77 11.16
C ALA A 331 -23.43 -3.56 10.49
N ALA A 332 -23.88 -2.38 10.86
CA ALA A 332 -23.27 -1.12 10.40
C ALA A 332 -23.35 -0.15 11.55
N PRO A 333 -22.54 -0.32 12.54
CA PRO A 333 -22.85 0.31 13.83
C PRO A 333 -22.30 1.70 13.97
N MET A 334 -22.53 2.25 15.15
CA MET A 334 -21.99 3.50 15.62
C MET A 334 -21.56 3.35 17.07
N THR A 335 -20.38 3.92 17.37
CA THR A 335 -19.75 3.81 18.68
C THR A 335 -19.42 5.21 19.16
N LEU A 336 -19.97 5.56 20.30
CA LEU A 336 -19.58 6.76 21.01
C LEU A 336 -18.47 6.44 22.00
N LEU A 337 -17.48 7.30 22.02
CA LEU A 337 -16.32 7.12 22.90
C LEU A 337 -16.01 8.40 23.65
N TYR A 338 -15.47 8.26 24.85
CA TYR A 338 -15.19 9.39 25.72
C TYR A 338 -13.70 9.45 26.04
N GLN A 339 -13.06 10.58 25.76
CA GLN A 339 -11.68 10.79 26.19
C GLN A 339 -11.71 11.32 27.61
N SER A 340 -11.29 10.47 28.56
CA SER A 340 -11.22 10.89 29.94
C SER A 340 -10.13 11.94 30.07
N PRO A 341 -10.23 12.79 31.07
CA PRO A 341 -9.26 13.88 31.19
C PRO A 341 -7.87 13.36 31.50
N GLY A 342 -6.87 14.11 31.02
CA GLY A 342 -5.52 13.98 31.53
C GLY A 342 -4.85 12.67 31.19
N CYS A 343 -4.74 12.40 29.90
CA CYS A 343 -4.07 11.18 29.42
C CYS A 343 -4.69 9.92 30.00
N GLY A 344 -5.87 10.03 30.63
CA GLY A 344 -6.66 8.87 30.96
C GLY A 344 -7.05 8.13 29.71
N PRO A 345 -7.80 7.06 29.87
CA PRO A 345 -8.11 6.19 28.73
C PRO A 345 -9.26 6.74 27.90
N LEU A 346 -9.21 6.42 26.62
CA LEU A 346 -10.38 6.48 25.77
C LEU A 346 -11.30 5.34 26.15
N LEU A 347 -12.57 5.65 26.36
CA LEU A 347 -13.54 4.69 26.86
C LEU A 347 -14.80 4.67 25.99
N PRO A 348 -15.27 3.47 25.62
CA PRO A 348 -16.57 3.37 24.96
C PRO A 348 -17.70 3.72 25.93
N LEU A 349 -18.70 4.43 25.39
CA LEU A 349 -19.89 4.90 26.09
C LEU A 349 -21.17 4.26 25.62
N ALA A 350 -21.32 4.08 24.32
CA ALA A 350 -22.55 3.53 23.79
C ALA A 350 -22.33 3.00 22.40
N ILE A 351 -23.06 1.92 22.07
CA ILE A 351 -22.97 1.25 20.78
C ILE A 351 -24.38 0.96 20.29
N GLN A 352 -24.69 1.43 19.09
CA GLN A 352 -25.92 1.07 18.40
C GLN A 352 -25.49 0.29 17.18
N LEU A 353 -26.03 -0.90 17.01
CA LEU A 353 -25.54 -1.77 15.95
C LEU A 353 -26.25 -1.56 14.63
N SER A 354 -27.16 -0.61 14.54
CA SER A 354 -27.87 -0.36 13.29
C SER A 354 -27.81 1.12 12.96
N GLN A 355 -27.95 1.45 11.69
CA GLN A 355 -28.11 2.85 11.33
C GLN A 355 -29.56 3.33 11.54
N THR A 356 -30.53 2.43 11.67
CA THR A 356 -31.87 2.85 12.01
C THR A 356 -32.18 2.54 13.46
N PRO A 357 -32.30 3.55 14.31
CA PRO A 357 -32.61 3.32 15.72
C PRO A 357 -33.99 2.74 15.91
N GLY A 358 -34.26 2.40 17.17
CA GLY A 358 -35.54 1.91 17.58
C GLY A 358 -35.47 0.75 18.53
N PRO A 359 -36.66 0.25 18.87
CA PRO A 359 -36.74 -0.78 19.91
C PRO A 359 -36.08 -2.10 19.52
N ASN A 360 -35.84 -2.34 18.23
CA ASN A 360 -35.17 -3.56 17.78
C ASN A 360 -33.69 -3.35 17.49
N SER A 361 -33.15 -2.18 17.80
CA SER A 361 -31.71 -1.95 17.79
C SER A 361 -31.35 -1.22 19.08
N PRO A 362 -31.24 -1.96 20.19
CA PRO A 362 -30.94 -1.31 21.46
C PRO A 362 -29.62 -0.58 21.40
N ILE A 363 -29.52 0.45 22.23
CA ILE A 363 -28.26 1.15 22.44
C ILE A 363 -27.55 0.49 23.61
N PHE A 364 -26.47 -0.22 23.32
CA PHE A 364 -25.79 -1.03 24.31
C PHE A 364 -24.83 -0.13 25.08
N LEU A 365 -24.69 -0.44 26.37
CA LEU A 365 -23.86 0.35 27.26
C LEU A 365 -22.88 -0.53 28.03
N PRO A 366 -21.75 0.06 28.46
CA PRO A 366 -20.78 -0.74 29.26
C PRO A 366 -21.35 -1.24 30.55
N THR A 367 -22.47 -0.68 31.00
CA THR A 367 -23.16 -1.15 32.19
C THR A 367 -24.18 -2.25 31.93
N ASP A 368 -24.29 -2.75 30.72
CA ASP A 368 -25.21 -3.84 30.51
C ASP A 368 -24.60 -5.15 31.06
N ASP A 369 -25.42 -6.20 31.11
CA ASP A 369 -24.96 -7.55 31.37
C ASP A 369 -23.71 -7.84 30.56
N LYS A 370 -22.82 -8.62 31.18
CA LYS A 370 -21.52 -8.95 30.62
C LYS A 370 -21.57 -9.29 29.15
N TRP A 371 -22.40 -10.28 28.79
CA TRP A 371 -22.42 -10.73 27.39
C TRP A 371 -23.19 -9.78 26.46
N ASP A 372 -24.15 -9.01 26.95
CA ASP A 372 -24.76 -8.00 26.06
C ASP A 372 -23.70 -7.05 25.55
N TRP A 373 -22.89 -6.50 26.46
CA TRP A 373 -21.91 -5.49 26.10
C TRP A 373 -20.78 -6.08 25.26
N LEU A 374 -20.32 -7.27 25.62
CA LEU A 374 -19.28 -7.92 24.84
C LEU A 374 -19.79 -8.26 23.44
N LEU A 375 -21.02 -8.77 23.35
CA LEU A 375 -21.56 -9.04 22.02
C LEU A 375 -21.65 -7.74 21.20
N ALA A 376 -21.99 -6.63 21.84
CA ALA A 376 -22.06 -5.38 21.08
C ALA A 376 -20.67 -4.98 20.59
N LYS A 377 -19.67 -5.10 21.45
CA LYS A 377 -18.32 -4.72 21.04
C LYS A 377 -17.81 -5.61 19.92
N THR A 378 -18.21 -6.87 19.93
CA THR A 378 -17.69 -7.82 18.96
C THR A 378 -18.28 -7.53 17.60
N TRP A 379 -19.53 -7.11 17.54
CA TRP A 379 -20.12 -6.70 16.26
C TRP A 379 -19.42 -5.49 15.67
N VAL A 380 -19.03 -4.54 16.51
CA VAL A 380 -18.24 -3.43 16.02
C VAL A 380 -16.92 -3.94 15.47
N ARG A 381 -16.28 -4.87 16.20
CA ARG A 381 -15.02 -5.43 15.69
C ARG A 381 -15.25 -6.21 14.39
N ASN A 382 -16.39 -6.89 14.23
CA ASN A 382 -16.68 -7.46 12.90
C ASN A 382 -16.78 -6.35 11.85
N ALA A 383 -17.38 -5.23 12.21
CA ALA A 383 -17.54 -4.17 11.22
C ALA A 383 -16.18 -3.60 10.80
N GLU A 384 -15.23 -3.51 11.76
CA GLU A 384 -13.89 -3.08 11.41
C GLU A 384 -13.25 -4.06 10.44
N PHE A 385 -13.51 -5.34 10.63
CA PHE A 385 -12.95 -6.29 9.70
C PHE A 385 -13.37 -5.95 8.27
N SER A 386 -14.68 -5.93 8.05
CA SER A 386 -15.20 -5.69 6.71
C SER A 386 -14.76 -4.33 6.18
N PHE A 387 -14.90 -3.27 7.00
CA PHE A 387 -14.52 -1.94 6.56
C PHE A 387 -13.05 -1.92 6.17
N HIS A 388 -12.21 -2.47 7.05
CA HIS A 388 -10.76 -2.34 6.90
C HIS A 388 -10.28 -3.08 5.67
N GLU A 389 -10.73 -4.30 5.49
CA GLU A 389 -10.15 -5.08 4.42
C GLU A 389 -10.64 -4.63 3.05
N ALA A 390 -11.90 -4.22 2.95
CA ALA A 390 -12.40 -3.79 1.64
C ALA A 390 -11.90 -2.39 1.33
N LEU A 391 -11.94 -1.50 2.31
CA LEU A 391 -11.69 -0.08 2.03
C LEU A 391 -10.29 0.36 2.44
N THR A 392 -9.96 0.28 3.71
CA THR A 392 -8.68 0.80 4.14
C THR A 392 -7.55 -0.01 3.53
N HIS A 393 -7.69 -1.32 3.52
CA HIS A 393 -6.64 -2.11 2.92
C HIS A 393 -6.76 -2.16 1.40
N LEU A 394 -7.75 -2.88 0.87
CA LEU A 394 -7.80 -3.13 -0.56
C LEU A 394 -7.90 -1.84 -1.38
N LEU A 395 -8.95 -1.05 -1.19
CA LEU A 395 -9.16 0.10 -2.08
C LEU A 395 -8.11 1.20 -1.83
N HIS A 396 -7.95 1.65 -0.58
CA HIS A 396 -7.04 2.77 -0.36
C HIS A 396 -5.57 2.43 -0.39
N SER A 397 -5.16 1.23 0.05
CA SER A 397 -3.75 0.86 0.09
C SER A 397 -3.30 -0.09 -1.04
N HIS A 398 -4.20 -0.65 -1.84
CA HIS A 398 -3.78 -1.41 -3.01
C HIS A 398 -4.26 -0.83 -4.35
N LEU A 399 -5.55 -0.53 -4.49
CA LEU A 399 -6.05 -0.11 -5.79
C LEU A 399 -5.56 1.29 -6.16
N LEU A 400 -5.54 2.19 -5.17
CA LEU A 400 -5.09 3.54 -5.48
C LEU A 400 -3.59 3.52 -5.78
N PRO A 401 -2.76 2.76 -5.03
CA PRO A 401 -1.35 2.65 -5.46
C PRO A 401 -1.15 2.05 -6.84
N GLU A 402 -1.97 1.07 -7.25
CA GLU A 402 -1.85 0.55 -8.61
C GLU A 402 -2.18 1.62 -9.65
N VAL A 403 -3.22 2.42 -9.40
CA VAL A 403 -3.54 3.49 -10.33
C VAL A 403 -2.35 4.44 -10.46
N PHE A 404 -1.80 4.84 -9.30
CA PHE A 404 -0.65 5.72 -9.30
C PHE A 404 0.49 5.11 -10.07
N THR A 405 0.70 3.81 -9.87
CA THR A 405 1.79 3.10 -10.54
C THR A 405 1.55 3.05 -12.04
N LEU A 406 0.36 2.60 -12.44
CA LEU A 406 0.11 2.44 -13.86
C LEU A 406 0.16 3.81 -14.55
N ALA A 407 -0.39 4.84 -13.92
CA ALA A 407 -0.29 6.16 -14.53
C ALA A 407 1.18 6.55 -14.70
N THR A 408 1.99 6.35 -13.65
CA THR A 408 3.42 6.65 -13.74
C THR A 408 4.08 5.92 -14.90
N LEU A 409 3.84 4.62 -15.03
CA LEU A 409 4.45 3.89 -16.14
C LEU A 409 4.02 4.48 -17.48
N ARG A 410 2.79 4.96 -17.55
CA ARG A 410 2.24 5.36 -18.83
C ARG A 410 2.65 6.76 -19.21
N GLN A 411 2.81 7.67 -18.24
CA GLN A 411 2.90 9.09 -18.57
C GLN A 411 4.23 9.73 -18.23
N LEU A 412 5.07 9.08 -17.42
CA LEU A 412 6.32 9.70 -17.03
C LEU A 412 7.49 8.91 -17.58
N PRO A 413 8.30 9.48 -18.46
CA PRO A 413 9.37 8.69 -19.09
C PRO A 413 10.59 8.52 -18.17
N HIS A 414 11.41 7.51 -18.50
CA HIS A 414 12.51 7.06 -17.66
C HIS A 414 13.41 8.21 -17.17
N CYS A 415 13.63 9.23 -17.99
CA CYS A 415 14.52 10.32 -17.61
C CYS A 415 13.85 11.45 -16.82
N HIS A 416 12.56 11.37 -16.55
CA HIS A 416 11.83 12.44 -15.87
C HIS A 416 12.06 12.39 -14.37
N PRO A 417 12.36 13.52 -13.72
CA PRO A 417 12.67 13.45 -12.29
C PRO A 417 11.56 12.87 -11.46
N LEU A 418 10.31 12.97 -11.93
CA LEU A 418 9.21 12.42 -11.16
C LEU A 418 9.09 10.90 -11.31
N PHE A 419 9.48 10.36 -12.47
CA PHE A 419 9.64 8.94 -12.60
C PHE A 419 10.80 8.45 -11.72
N LYS A 420 11.94 9.14 -11.79
CA LYS A 420 13.08 8.74 -10.97
C LYS A 420 12.63 8.66 -9.52
N LEU A 421 11.89 9.66 -9.08
CA LEU A 421 11.47 9.73 -7.68
C LEU A 421 10.47 8.65 -7.32
N LEU A 422 9.49 8.40 -8.18
CA LEU A 422 8.39 7.56 -7.79
C LEU A 422 8.63 6.07 -8.00
N ILE A 423 9.52 5.69 -8.93
CA ILE A 423 9.55 4.29 -9.38
C ILE A 423 9.86 3.31 -8.26
N PRO A 424 10.78 3.58 -7.31
CA PRO A 424 10.93 2.65 -6.18
C PRO A 424 9.63 2.45 -5.42
N HIS A 425 8.75 3.43 -5.44
CA HIS A 425 7.54 3.35 -4.63
C HIS A 425 6.39 2.68 -5.37
N THR A 426 6.67 2.10 -6.52
CA THR A 426 5.71 1.23 -7.18
C THR A 426 6.10 -0.24 -7.19
N ARG A 427 7.26 -0.61 -6.65
CA ARG A 427 7.80 -1.94 -6.88
C ARG A 427 6.79 -3.03 -6.51
N TYR A 428 6.56 -3.94 -7.45
CA TYR A 428 5.77 -5.15 -7.25
C TYR A 428 4.30 -4.87 -7.01
N THR A 429 3.85 -3.61 -7.13
CA THR A 429 2.45 -3.33 -6.85
C THR A 429 1.54 -3.91 -7.92
N LEU A 430 1.91 -3.79 -9.17
CA LEU A 430 1.08 -4.38 -10.21
C LEU A 430 1.05 -5.90 -10.08
N HIS A 431 2.18 -6.48 -9.68
CA HIS A 431 2.25 -7.93 -9.51
C HIS A 431 1.28 -8.37 -8.43
N ILE A 432 1.33 -7.74 -7.27
CA ILE A 432 0.55 -8.25 -6.15
C ILE A 432 -0.95 -8.03 -6.33
N ASN A 433 -1.36 -6.91 -6.96
CA ASN A 433 -2.77 -6.76 -7.27
C ASN A 433 -3.24 -7.72 -8.36
N THR A 434 -2.42 -7.97 -9.38
CA THR A 434 -2.81 -8.98 -10.37
C THR A 434 -3.03 -10.30 -9.66
N LEU A 435 -2.16 -10.62 -8.70
CA LEU A 435 -2.28 -11.88 -7.98
C LEU A 435 -3.60 -11.91 -7.23
N ALA A 436 -3.92 -10.86 -6.48
CA ALA A 436 -5.18 -10.82 -5.74
C ALA A 436 -6.36 -11.03 -6.66
N ARG A 437 -6.34 -10.41 -7.84
CA ARG A 437 -7.45 -10.58 -8.77
C ARG A 437 -7.49 -12.01 -9.30
N GLU A 438 -6.37 -12.70 -9.27
CA GLU A 438 -6.30 -14.05 -9.79
C GLU A 438 -6.67 -15.10 -8.76
N LEU A 439 -6.39 -14.88 -7.49
CA LEU A 439 -6.34 -15.95 -6.50
C LEU A 439 -7.00 -15.62 -5.17
N LEU A 440 -7.54 -14.41 -5.00
CA LEU A 440 -8.02 -13.92 -3.72
C LEU A 440 -9.47 -13.50 -3.79
N ILE A 441 -9.81 -12.65 -4.75
CA ILE A 441 -11.17 -12.12 -4.80
C ILE A 441 -12.00 -12.83 -5.85
N VAL A 442 -11.65 -14.06 -6.17
CA VAL A 442 -12.43 -14.83 -7.13
C VAL A 442 -13.21 -15.92 -6.40
N PRO A 443 -14.20 -16.49 -7.05
CA PRO A 443 -14.98 -17.57 -6.42
C PRO A 443 -14.08 -18.68 -5.86
N GLY A 444 -14.55 -19.31 -4.80
CA GLY A 444 -13.84 -20.43 -4.23
C GLY A 444 -12.69 -20.08 -3.32
N GLN A 445 -12.21 -18.84 -3.36
CA GLN A 445 -11.08 -18.42 -2.55
C GLN A 445 -11.58 -17.72 -1.30
N VAL A 446 -10.63 -17.17 -0.54
CA VAL A 446 -10.88 -16.97 0.90
C VAL A 446 -12.00 -15.97 1.13
N LEU A 447 -12.06 -14.93 0.30
CA LEU A 447 -13.14 -13.93 0.40
C LEU A 447 -14.50 -14.60 0.28
N ASP A 448 -14.67 -15.41 -0.78
CA ASP A 448 -15.95 -16.00 -1.12
C ASP A 448 -16.34 -17.07 -0.13
N ARG A 449 -15.35 -17.83 0.39
CA ARG A 449 -15.72 -18.93 1.25
C ARG A 449 -15.73 -18.59 2.73
N SER A 450 -15.10 -17.48 3.19
CA SER A 450 -14.94 -17.34 4.64
C SER A 450 -15.19 -15.95 5.25
N THR A 451 -15.71 -14.99 4.49
CA THR A 451 -16.05 -13.69 5.04
C THR A 451 -17.54 -13.48 5.03
N GLY A 452 -18.00 -12.66 5.98
CA GLY A 452 -19.42 -12.36 6.10
C GLY A 452 -20.01 -11.63 4.91
N ILE A 453 -19.25 -10.70 4.32
CA ILE A 453 -19.86 -9.90 3.26
C ILE A 453 -19.45 -10.40 1.87
N GLY A 454 -18.34 -11.11 1.77
CA GLY A 454 -18.03 -11.85 0.57
C GLY A 454 -17.55 -10.94 -0.53
N ILE A 455 -17.43 -11.54 -1.71
CA ILE A 455 -17.02 -10.80 -2.89
C ILE A 455 -17.99 -9.65 -3.15
N GLU A 456 -19.29 -9.95 -3.15
CA GLU A 456 -20.25 -8.93 -3.54
C GLU A 456 -20.27 -7.78 -2.55
N GLY A 457 -20.14 -8.09 -1.25
CA GLY A 457 -20.17 -7.05 -0.25
C GLY A 457 -18.94 -6.19 -0.31
N PHE A 458 -17.82 -6.76 -0.71
CA PHE A 458 -16.60 -5.98 -0.88
C PHE A 458 -16.75 -4.99 -2.00
N SER A 459 -17.34 -5.44 -3.12
CA SER A 459 -17.51 -4.57 -4.27
C SER A 459 -18.50 -3.46 -3.93
N GLU A 460 -19.65 -3.80 -3.35
CA GLU A 460 -20.60 -2.79 -2.87
C GLU A 460 -19.90 -1.76 -1.98
N LEU A 461 -19.09 -2.22 -1.05
CA LEU A 461 -18.39 -1.24 -0.21
C LEU A 461 -17.46 -0.36 -1.03
N ILE A 462 -16.77 -0.90 -2.03
CA ILE A 462 -15.83 -0.08 -2.77
C ILE A 462 -16.57 0.90 -3.66
N GLN A 463 -17.69 0.47 -4.23
CA GLN A 463 -18.51 1.36 -5.04
C GLN A 463 -19.07 2.51 -4.21
N ARG A 464 -19.56 2.23 -2.99
CA ARG A 464 -20.08 3.31 -2.15
C ARG A 464 -18.96 4.28 -1.77
N ASN A 465 -17.84 3.74 -1.37
CA ASN A 465 -16.75 4.58 -0.91
C ASN A 465 -16.19 5.45 -2.02
N MET A 466 -16.12 4.90 -3.24
CA MET A 466 -15.57 5.67 -4.34
C MET A 466 -16.40 6.92 -4.62
N LYS A 467 -17.64 6.98 -4.10
CA LYS A 467 -18.56 8.07 -4.37
C LYS A 467 -18.53 9.13 -3.27
N GLN A 468 -17.80 8.91 -2.18
CA GLN A 468 -17.67 9.92 -1.16
C GLN A 468 -16.24 10.11 -0.70
N LEU A 469 -15.31 9.49 -1.38
CA LEU A 469 -13.89 9.53 -1.09
C LEU A 469 -13.32 10.88 -1.50
N ASN A 470 -12.32 11.36 -0.72
CA ASN A 470 -11.74 12.65 -1.03
C ASN A 470 -10.25 12.78 -0.72
N TYR A 471 -9.67 13.85 -1.26
CA TYR A 471 -8.24 14.10 -1.16
C TYR A 471 -7.79 14.25 0.28
N SER A 472 -8.64 14.79 1.13
CA SER A 472 -8.24 15.04 2.50
C SER A 472 -8.04 13.75 3.29
N LEU A 473 -8.76 12.66 2.95
CA LEU A 473 -8.51 11.41 3.65
C LEU A 473 -7.14 10.87 3.29
N LEU A 474 -6.62 11.16 2.10
CA LEU A 474 -5.31 10.62 1.74
C LEU A 474 -4.15 11.48 2.21
N CYS A 475 -4.39 12.72 2.62
CA CYS A 475 -3.34 13.61 3.08
C CYS A 475 -3.45 13.64 4.57
N LEU A 476 -2.47 13.05 5.24
CA LEU A 476 -2.66 12.74 6.66
C LEU A 476 -2.84 14.00 7.49
N PRO A 477 -2.10 15.10 7.26
CA PRO A 477 -2.37 16.30 8.06
C PRO A 477 -3.78 16.83 7.86
N GLU A 478 -4.34 16.74 6.63
CA GLU A 478 -5.71 17.22 6.44
C GLU A 478 -6.70 16.25 7.07
N ASP A 479 -6.42 14.96 6.95
CA ASP A 479 -7.28 13.94 7.53
C ASP A 479 -7.38 14.12 9.04
N ILE A 480 -6.22 14.32 9.70
CA ILE A 480 -6.21 14.53 11.14
C ILE A 480 -7.00 15.79 11.51
N ARG A 481 -6.84 16.86 10.74
CA ARG A 481 -7.57 18.09 10.99
C ARG A 481 -9.06 17.89 10.78
N THR A 482 -9.42 17.29 9.64
CA THR A 482 -10.82 17.04 9.33
C THR A 482 -11.52 16.28 10.44
N ARG A 483 -10.90 15.20 10.95
CA ARG A 483 -11.52 14.39 11.99
C ARG A 483 -11.38 14.96 13.40
N GLY A 484 -10.76 16.13 13.57
CA GLY A 484 -10.71 16.72 14.91
C GLY A 484 -9.95 15.89 15.92
N VAL A 485 -8.94 15.15 15.46
CA VAL A 485 -8.18 14.26 16.34
C VAL A 485 -6.72 14.67 16.38
N GLU A 486 -6.43 15.97 16.33
CA GLU A 486 -5.05 16.44 16.34
C GLU A 486 -4.44 16.37 17.76
N ASP A 487 -5.27 16.33 18.81
CA ASP A 487 -4.79 16.40 20.19
C ASP A 487 -5.16 15.19 21.04
N ILE A 488 -5.92 14.24 20.52
CA ILE A 488 -6.34 13.13 21.36
C ILE A 488 -5.11 12.32 21.77
N PRO A 489 -4.91 12.01 23.04
CA PRO A 489 -3.68 11.34 23.47
C PRO A 489 -3.62 9.85 23.17
N GLY A 490 -2.38 9.36 23.13
CA GLY A 490 -2.15 7.97 22.85
C GLY A 490 -2.39 7.57 21.40
N TYR A 491 -2.42 8.53 20.47
CA TYR A 491 -2.76 8.24 19.07
C TYR A 491 -1.44 8.13 18.31
N TYR A 492 -0.86 6.93 18.32
CA TYR A 492 0.49 6.75 17.81
C TYR A 492 0.52 6.60 16.31
N TYR A 493 -0.53 6.06 15.71
CA TYR A 493 -0.66 6.14 14.26
C TYR A 493 -0.53 7.58 13.77
N ARG A 494 -1.21 8.51 14.43
CA ARG A 494 -1.03 9.91 14.11
C ARG A 494 0.39 10.40 14.48
N ASP A 495 0.80 10.23 15.73
CA ASP A 495 2.12 10.75 16.11
C ASP A 495 3.20 10.33 15.12
N ASP A 496 3.24 9.05 14.77
CA ASP A 496 4.32 8.56 13.93
C ASP A 496 4.06 8.87 12.47
N GLY A 497 2.81 8.76 12.05
CA GLY A 497 2.49 9.06 10.66
C GLY A 497 2.76 10.51 10.29
N MET A 498 2.52 11.42 11.22
CA MET A 498 2.75 12.83 10.92
C MET A 498 4.22 13.13 10.77
N GLN A 499 5.09 12.53 11.62
CA GLN A 499 6.53 12.72 11.48
C GLN A 499 7.00 12.22 10.13
N ILE A 500 6.52 11.04 9.74
CA ILE A 500 6.87 10.46 8.46
C ILE A 500 6.34 11.34 7.32
N TRP A 501 5.08 11.76 7.41
CA TRP A 501 4.53 12.66 6.42
C TRP A 501 5.45 13.85 6.23
N GLY A 502 5.77 14.54 7.34
CA GLY A 502 6.73 15.62 7.28
C GLY A 502 8.01 15.27 6.54
N ALA A 503 8.61 14.11 6.83
CA ALA A 503 9.89 13.80 6.23
C ALA A 503 9.73 13.60 4.74
N VAL A 504 8.65 12.95 4.33
CA VAL A 504 8.39 12.76 2.91
C VAL A 504 8.10 14.11 2.24
N GLU A 505 7.24 14.93 2.86
N GLU A 505 7.24 14.94 2.87
CA GLU A 505 6.94 16.26 2.32
CA GLU A 505 6.92 16.26 2.31
C GLU A 505 8.21 17.06 2.11
C GLU A 505 8.19 17.10 2.13
N ARG A 506 9.11 17.07 3.11
CA ARG A 506 10.35 17.81 2.98
C ARG A 506 11.24 17.24 1.87
N PHE A 507 11.23 15.93 1.72
CA PHE A 507 12.00 15.29 0.66
C PHE A 507 11.46 15.68 -0.71
N VAL A 508 10.14 15.57 -0.88
CA VAL A 508 9.51 15.88 -2.16
C VAL A 508 9.66 17.36 -2.50
N SER A 509 9.58 18.23 -1.48
CA SER A 509 9.66 19.66 -1.77
C SER A 509 11.07 20.03 -2.22
N GLU A 510 12.09 19.40 -1.64
CA GLU A 510 13.47 19.59 -2.10
C GLU A 510 13.62 19.17 -3.57
N ILE A 511 13.07 18.00 -3.90
CA ILE A 511 13.22 17.48 -5.25
C ILE A 511 12.48 18.35 -6.25
N ILE A 512 11.26 18.80 -5.91
CA ILE A 512 10.53 19.70 -6.80
C ILE A 512 11.33 21.00 -6.97
N GLY A 513 11.81 21.57 -5.87
CA GLY A 513 12.53 22.83 -5.94
C GLY A 513 13.81 22.74 -6.74
N ILE A 514 14.37 21.54 -6.90
CA ILE A 514 15.59 21.37 -7.67
C ILE A 514 15.33 21.54 -9.16
N TYR A 515 14.18 21.02 -9.63
CA TYR A 515 13.89 20.87 -11.05
C TYR A 515 12.78 21.78 -11.58
N TYR A 516 11.90 22.30 -10.73
CA TYR A 516 10.80 23.16 -11.15
C TYR A 516 10.95 24.56 -10.57
N PRO A 517 11.50 25.51 -11.32
CA PRO A 517 11.74 26.84 -10.73
C PRO A 517 10.47 27.61 -10.39
N SER A 518 9.38 27.37 -11.11
CA SER A 518 8.21 28.24 -11.02
C SER A 518 6.92 27.44 -11.12
N ASP A 519 5.84 28.04 -10.65
CA ASP A 519 4.52 27.45 -10.88
C ASP A 519 4.25 27.30 -12.38
N GLU A 520 4.76 28.22 -13.19
CA GLU A 520 4.60 28.10 -14.64
C GLU A 520 5.22 26.81 -15.19
N SER A 521 6.38 26.45 -14.66
CA SER A 521 7.05 25.26 -15.15
C SER A 521 6.30 23.99 -14.79
N VAL A 522 5.51 24.00 -13.71
CA VAL A 522 4.64 22.86 -13.40
C VAL A 522 3.52 22.75 -14.44
N GLN A 523 2.84 23.86 -14.72
CA GLN A 523 1.78 23.85 -15.73
C GLN A 523 2.34 23.48 -17.10
N ASP A 524 3.54 23.98 -17.43
CA ASP A 524 4.10 23.70 -18.74
C ASP A 524 4.56 22.24 -18.89
N ASP A 525 4.57 21.44 -17.81
CA ASP A 525 4.99 20.05 -17.91
C ASP A 525 3.82 19.24 -18.47
N ARG A 526 3.80 19.02 -19.78
CA ARG A 526 2.70 18.26 -20.39
C ARG A 526 2.62 16.83 -19.86
N GLU A 527 3.75 16.17 -19.63
CA GLU A 527 3.72 14.79 -19.15
C GLU A 527 3.14 14.73 -17.73
N LEU A 528 3.57 15.66 -16.87
CA LEU A 528 3.02 15.76 -15.53
C LEU A 528 1.51 15.93 -15.56
N GLN A 529 1.02 16.83 -16.45
CA GLN A 529 -0.42 17.10 -16.53
C GLN A 529 -1.18 15.87 -17.03
N ALA A 530 -0.66 15.16 -18.03
CA ALA A 530 -1.33 13.92 -18.41
C ALA A 530 -1.34 12.89 -17.28
N TRP A 531 -0.31 12.89 -16.44
CA TRP A 531 -0.25 11.90 -15.35
C TRP A 531 -1.33 12.13 -14.30
N VAL A 532 -1.48 13.39 -13.85
CA VAL A 532 -2.56 13.73 -12.92
C VAL A 532 -3.92 13.42 -13.53
N ARG A 533 -4.13 13.91 -14.75
CA ARG A 533 -5.40 13.70 -15.46
C ARG A 533 -5.75 12.22 -15.53
N GLU A 534 -4.78 11.35 -15.88
CA GLU A 534 -5.07 9.92 -15.96
C GLU A 534 -5.44 9.37 -14.60
N ILE A 535 -4.77 9.83 -13.54
CA ILE A 535 -5.14 9.34 -12.23
C ILE A 535 -6.55 9.78 -11.92
N PHE A 536 -6.85 11.06 -12.17
CA PHE A 536 -8.18 11.58 -11.88
C PHE A 536 -9.23 10.81 -12.65
N SER A 537 -8.96 10.48 -13.91
CA SER A 537 -9.96 9.82 -14.71
C SER A 537 -10.01 8.33 -14.47
N LYS A 538 -8.88 7.63 -14.57
CA LYS A 538 -8.87 6.17 -14.44
C LYS A 538 -9.01 5.71 -12.98
N GLY A 539 -8.41 6.45 -12.05
CA GLY A 539 -8.47 6.07 -10.65
C GLY A 539 -9.65 6.63 -9.88
N PHE A 540 -10.03 7.88 -10.14
CA PHE A 540 -11.12 8.49 -9.41
C PHE A 540 -12.35 8.76 -10.24
N LEU A 541 -12.41 8.30 -11.50
CA LEU A 541 -13.64 8.23 -12.29
C LEU A 541 -14.20 9.63 -12.54
N ASN A 542 -13.27 10.57 -12.73
CA ASN A 542 -13.58 11.95 -13.09
C ASN A 542 -14.54 12.60 -12.11
N GLN A 543 -14.55 12.14 -10.86
CA GLN A 543 -15.52 12.65 -9.89
C GLN A 543 -14.94 13.91 -9.25
N GLU A 544 -15.54 15.05 -9.56
N GLU A 544 -15.53 15.06 -9.54
CA GLU A 544 -15.15 16.34 -8.98
CA GLU A 544 -15.03 16.32 -8.97
C GLU A 544 -15.22 16.27 -7.46
C GLU A 544 -15.31 16.41 -7.46
N SER A 545 -16.29 15.66 -6.94
CA SER A 545 -16.57 15.62 -5.51
C SER A 545 -15.48 14.92 -4.69
N SER A 546 -14.55 14.23 -5.34
CA SER A 546 -13.42 13.67 -4.63
C SER A 546 -12.42 14.74 -4.22
N GLY A 547 -12.45 15.92 -4.82
CA GLY A 547 -11.47 16.92 -4.49
C GLY A 547 -10.06 16.65 -4.97
N ILE A 548 -9.83 15.54 -5.66
CA ILE A 548 -8.50 15.22 -6.16
C ILE A 548 -8.20 16.05 -7.38
N PRO A 549 -7.04 16.70 -7.47
CA PRO A 549 -6.76 17.58 -8.61
C PRO A 549 -6.79 16.84 -9.94
N SER A 550 -7.30 17.52 -10.94
CA SER A 550 -7.30 17.06 -12.32
C SER A 550 -6.19 17.73 -13.09
N SER A 551 -5.51 18.65 -12.45
CA SER A 551 -4.37 19.36 -13.05
C SER A 551 -3.61 19.91 -11.87
N LEU A 552 -2.39 20.35 -12.11
CA LEU A 552 -1.53 20.82 -11.02
C LEU A 552 -0.90 22.12 -11.48
N GLU A 553 -1.23 23.20 -10.77
CA GLU A 553 -0.93 24.53 -11.27
C GLU A 553 0.19 25.23 -10.53
N THR A 554 0.57 24.73 -9.36
CA THR A 554 1.57 25.34 -8.51
C THR A 554 2.57 24.29 -8.04
N ARG A 555 3.76 24.76 -7.70
CA ARG A 555 4.75 23.89 -7.08
C ARG A 555 4.23 23.36 -5.75
N GLU A 556 3.57 24.21 -4.96
CA GLU A 556 3.01 23.76 -3.70
C GLU A 556 2.02 22.62 -3.89
N ALA A 557 1.15 22.70 -4.90
CA ALA A 557 0.16 21.64 -5.07
C ALA A 557 0.80 20.34 -5.54
N LEU A 558 1.84 20.44 -6.37
CA LEU A 558 2.56 19.26 -6.83
C LEU A 558 3.24 18.56 -5.67
N VAL A 559 3.91 19.33 -4.81
CA VAL A 559 4.56 18.77 -3.65
C VAL A 559 3.56 18.00 -2.81
N GLN A 560 2.44 18.63 -2.49
N GLN A 560 2.43 18.63 -2.50
CA GLN A 560 1.43 17.94 -1.70
CA GLN A 560 1.42 17.95 -1.70
C GLN A 560 0.96 16.68 -2.39
C GLN A 560 0.94 16.69 -2.39
N TYR A 561 0.72 16.75 -3.70
CA TYR A 561 0.14 15.59 -4.40
C TYR A 561 1.12 14.42 -4.43
N VAL A 562 2.40 14.68 -4.68
CA VAL A 562 3.39 13.60 -4.79
C VAL A 562 3.64 12.98 -3.41
N THR A 563 3.71 13.82 -2.38
CA THR A 563 3.76 13.34 -1.01
C THR A 563 2.61 12.38 -0.74
N MET A 564 1.41 12.75 -1.12
CA MET A 564 0.28 11.84 -0.95
C MET A 564 0.55 10.51 -1.63
N VAL A 565 1.08 10.51 -2.85
CA VAL A 565 1.30 9.24 -3.54
C VAL A 565 2.35 8.42 -2.79
N ILE A 566 3.47 9.03 -2.44
CA ILE A 566 4.54 8.27 -1.80
C ILE A 566 4.07 7.76 -0.43
N PHE A 567 3.44 8.63 0.36
CA PHE A 567 2.97 8.21 1.66
C PHE A 567 1.94 7.09 1.54
N THR A 568 1.02 7.20 0.60
CA THR A 568 0.01 6.15 0.47
C THR A 568 0.65 4.81 0.13
N CYS A 569 1.70 4.80 -0.70
CA CYS A 569 2.30 3.58 -1.20
C CYS A 569 3.26 2.91 -0.21
N SER A 570 3.65 3.62 0.85
CA SER A 570 4.60 3.11 1.80
C SER A 570 3.94 3.07 3.17
N ALA A 571 4.03 4.19 3.89
CA ALA A 571 3.59 4.19 5.28
C ALA A 571 2.12 3.87 5.43
N LYS A 572 1.26 4.41 4.55
CA LYS A 572 -0.16 4.19 4.74
C LYS A 572 -0.46 2.70 4.70
N HIS A 573 0.08 2.00 3.71
CA HIS A 573 -0.17 0.58 3.60
C HIS A 573 0.49 -0.19 4.74
N ALA A 574 1.70 0.23 5.12
CA ALA A 574 2.36 -0.37 6.28
C ALA A 574 1.51 -0.24 7.53
N ALA A 575 0.86 0.92 7.70
CA ALA A 575 0.12 1.18 8.94
C ALA A 575 -1.10 0.26 9.04
N VAL A 576 -1.75 -0.03 7.92
CA VAL A 576 -2.99 -0.77 7.94
C VAL A 576 -2.78 -2.24 7.61
N SER A 577 -1.59 -2.61 7.16
CA SER A 577 -1.29 -4.01 6.87
C SER A 577 -0.61 -4.74 8.03
N ALA A 578 0.31 -4.10 8.76
CA ALA A 578 1.20 -4.80 9.69
C ALA A 578 0.52 -5.38 10.94
N GLY A 579 -0.61 -4.84 11.34
CA GLY A 579 -1.28 -5.36 12.51
C GLY A 579 -2.43 -6.30 12.20
N GLN A 580 -2.41 -6.87 11.00
CA GLN A 580 -3.55 -7.67 10.58
C GLN A 580 -3.64 -8.93 11.41
N PHE A 581 -2.54 -9.68 11.44
CA PHE A 581 -2.48 -10.89 12.22
C PHE A 581 -2.56 -10.57 13.73
N ASP A 582 -1.78 -9.59 14.19
CA ASP A 582 -1.87 -9.17 15.58
C ASP A 582 -3.33 -8.97 15.98
N SER A 583 -4.12 -8.41 15.06
CA SER A 583 -5.49 -8.02 15.38
C SER A 583 -6.44 -9.21 15.32
N CYS A 584 -6.23 -10.15 14.37
CA CYS A 584 -7.19 -11.24 14.13
C CYS A 584 -6.82 -12.60 14.75
N ALA A 585 -5.61 -12.80 15.23
CA ALA A 585 -5.26 -14.15 15.71
C ALA A 585 -6.21 -14.62 16.81
N TRP A 586 -6.57 -13.74 17.73
CA TRP A 586 -7.63 -14.00 18.69
C TRP A 586 -8.94 -13.57 18.01
N MET A 587 -9.70 -14.56 17.53
CA MET A 587 -10.76 -14.26 16.59
C MET A 587 -11.85 -13.36 17.17
N PRO A 588 -12.27 -13.49 18.42
CA PRO A 588 -13.27 -12.52 18.95
C PRO A 588 -12.82 -11.08 18.82
N ASN A 589 -11.51 -10.82 18.76
CA ASN A 589 -11.07 -9.45 18.52
C ASN A 589 -11.30 -8.95 17.08
N LEU A 590 -11.56 -9.84 16.12
CA LEU A 590 -11.76 -9.43 14.72
C LEU A 590 -12.48 -10.54 13.98
N PRO A 591 -13.72 -10.79 14.30
CA PRO A 591 -14.45 -11.84 13.61
C PRO A 591 -14.70 -11.44 12.16
N PRO A 592 -14.34 -12.29 11.21
CA PRO A 592 -14.59 -12.00 9.79
C PRO A 592 -16.02 -12.20 9.33
N SER A 593 -16.89 -12.78 10.16
CA SER A 593 -18.28 -12.97 9.81
C SER A 593 -19.04 -13.13 11.10
N MET A 594 -20.37 -13.03 11.00
CA MET A 594 -21.29 -13.35 12.10
C MET A 594 -22.41 -14.21 11.55
N GLN A 595 -22.94 -15.07 12.39
CA GLN A 595 -23.79 -16.14 11.90
C GLN A 595 -25.20 -16.04 12.44
N LEU A 596 -25.44 -15.09 13.34
CA LEU A 596 -26.79 -14.72 13.72
C LEU A 596 -26.91 -13.21 13.55
N PRO A 597 -28.11 -12.70 13.37
CA PRO A 597 -28.28 -11.27 13.23
C PRO A 597 -28.01 -10.58 14.55
N PRO A 598 -27.83 -9.27 14.52
CA PRO A 598 -27.60 -8.55 15.77
C PRO A 598 -28.75 -8.77 16.73
N PRO A 599 -28.51 -8.60 18.01
CA PRO A 599 -29.61 -8.69 18.98
C PRO A 599 -30.59 -7.54 18.82
N THR A 600 -31.87 -7.88 19.01
CA THR A 600 -32.97 -6.97 18.92
C THR A 600 -33.51 -6.60 20.28
N SER A 601 -32.94 -7.12 21.33
CA SER A 601 -33.21 -6.56 22.65
C SER A 601 -32.09 -6.98 23.58
N LYS A 602 -32.15 -6.51 24.81
CA LYS A 602 -31.10 -6.75 25.79
C LYS A 602 -31.50 -7.95 26.64
N GLY A 603 -30.53 -8.48 27.39
CA GLY A 603 -30.81 -9.53 28.35
C GLY A 603 -30.84 -10.94 27.78
N LEU A 604 -30.38 -11.13 26.56
CA LEU A 604 -30.45 -12.43 25.90
C LEU A 604 -29.10 -13.08 25.67
N ALA A 605 -28.02 -12.34 25.77
CA ALA A 605 -26.73 -12.84 25.34
C ALA A 605 -26.19 -13.78 26.42
N THR A 606 -25.52 -14.83 25.97
CA THR A 606 -24.86 -15.80 26.82
C THR A 606 -23.52 -16.09 26.18
N CYS A 607 -22.70 -16.85 26.90
CA CYS A 607 -21.49 -17.40 26.34
C CYS A 607 -21.81 -18.37 25.21
N GLU A 608 -22.73 -19.30 25.46
CA GLU A 608 -23.14 -20.25 24.44
C GLU A 608 -23.66 -19.52 23.21
N GLY A 609 -24.57 -18.56 23.41
CA GLY A 609 -25.03 -17.75 22.30
C GLY A 609 -23.90 -17.00 21.64
N PHE A 610 -22.98 -16.48 22.43
CA PHE A 610 -21.88 -15.70 21.85
C PHE A 610 -21.04 -16.55 20.89
N ILE A 611 -20.70 -17.78 21.28
CA ILE A 611 -19.88 -18.58 20.40
C ILE A 611 -20.67 -19.02 19.18
N ALA A 612 -21.97 -19.20 19.34
CA ALA A 612 -22.84 -19.54 18.23
C ALA A 612 -22.96 -18.44 17.19
N THR A 613 -22.69 -17.18 17.55
CA THR A 613 -22.73 -16.07 16.61
C THR A 613 -21.41 -15.93 15.86
N LEU A 614 -20.31 -16.34 16.50
CA LEU A 614 -19.00 -16.25 15.89
C LEU A 614 -18.86 -17.28 14.78
N PRO A 615 -17.92 -17.06 13.88
CA PRO A 615 -17.89 -17.84 12.63
C PRO A 615 -17.42 -19.27 12.87
N PRO A 616 -17.72 -20.15 11.93
CA PRO A 616 -17.28 -21.55 12.06
C PRO A 616 -15.76 -21.66 11.99
N VAL A 617 -15.28 -22.82 12.47
CA VAL A 617 -13.85 -23.07 12.60
C VAL A 617 -13.14 -22.89 11.26
N ASN A 618 -13.63 -23.54 10.20
CA ASN A 618 -12.90 -23.51 8.94
C ASN A 618 -12.78 -22.06 8.41
N ALA A 619 -13.83 -21.27 8.55
CA ALA A 619 -13.76 -19.88 8.07
C ALA A 619 -12.81 -19.06 8.93
N THR A 620 -12.88 -19.24 10.26
CA THR A 620 -11.95 -18.55 11.12
C THR A 620 -10.51 -18.81 10.66
N CYS A 621 -10.17 -20.08 10.49
CA CYS A 621 -8.77 -20.42 10.24
C CYS A 621 -8.36 -20.02 8.85
N ASP A 622 -9.24 -20.17 7.88
CA ASP A 622 -8.91 -19.75 6.52
C ASP A 622 -8.60 -18.27 6.48
N VAL A 623 -9.32 -17.48 7.26
CA VAL A 623 -9.06 -16.04 7.24
C VAL A 623 -7.79 -15.69 7.98
N ILE A 624 -7.52 -16.36 9.13
CA ILE A 624 -6.30 -16.06 9.86
C ILE A 624 -5.10 -16.48 9.05
N LEU A 625 -5.20 -17.62 8.40
CA LEU A 625 -4.11 -18.07 7.53
C LEU A 625 -3.83 -17.01 6.48
N ALA A 626 -4.87 -16.39 5.94
CA ALA A 626 -4.61 -15.44 4.86
C ALA A 626 -4.07 -14.14 5.43
N LEU A 627 -4.58 -13.73 6.58
CA LEU A 627 -4.09 -12.52 7.21
C LEU A 627 -2.66 -12.68 7.71
N TRP A 628 -2.27 -13.88 8.16
CA TRP A 628 -0.89 -14.04 8.55
C TRP A 628 0.02 -13.86 7.33
N LEU A 629 -0.35 -14.44 6.18
CA LEU A 629 0.51 -14.33 4.99
C LEU A 629 0.58 -12.90 4.44
N LEU A 630 -0.48 -12.11 4.63
CA LEU A 630 -0.47 -10.75 4.09
C LEU A 630 0.08 -9.72 5.08
N SER A 631 0.33 -10.09 6.34
CA SER A 631 0.87 -9.15 7.29
C SER A 631 2.35 -8.93 7.10
N LYS A 632 3.05 -9.87 6.50
CA LYS A 632 4.50 -9.87 6.48
C LYS A 632 4.99 -9.79 5.05
N GLU A 633 5.88 -8.84 4.81
CA GLU A 633 6.69 -8.79 3.60
C GLU A 633 7.44 -10.10 3.40
N PRO A 634 7.16 -10.85 2.34
CA PRO A 634 7.97 -12.04 2.07
C PRO A 634 9.26 -11.64 1.38
N GLY A 635 10.12 -12.61 1.26
CA GLY A 635 11.37 -12.31 0.62
C GLY A 635 12.01 -11.10 1.24
N ASP A 636 12.74 -10.35 0.41
CA ASP A 636 13.58 -9.29 0.91
C ASP A 636 12.88 -7.95 0.80
N GLN A 637 13.36 -7.04 1.64
CA GLN A 637 12.72 -5.78 1.92
C GLN A 637 13.54 -4.66 1.30
N ARG A 638 12.83 -3.66 0.77
CA ARG A 638 13.43 -2.34 0.50
C ARG A 638 12.72 -1.34 1.40
N PRO A 639 13.21 -1.14 2.63
CA PRO A 639 12.58 -0.18 3.56
C PRO A 639 12.53 1.23 3.00
N LEU A 640 11.53 1.98 3.48
CA LEU A 640 11.31 3.36 3.04
C LEU A 640 12.58 4.17 3.08
N GLY A 641 12.86 4.88 1.98
CA GLY A 641 14.00 5.76 1.85
C GLY A 641 15.26 5.11 1.32
N THR A 642 15.25 3.81 1.18
CA THR A 642 16.41 3.07 0.72
C THR A 642 16.28 2.81 -0.76
N TYR A 643 17.20 3.34 -1.55
CA TYR A 643 17.05 3.39 -3.00
C TYR A 643 18.31 2.84 -3.65
N PRO A 644 18.47 1.52 -3.68
CA PRO A 644 19.68 0.94 -4.31
C PRO A 644 19.74 1.07 -5.82
N ASP A 645 18.62 1.29 -6.50
CA ASP A 645 18.63 1.61 -7.92
C ASP A 645 18.80 3.12 -8.01
N GLU A 646 19.95 3.55 -8.49
CA GLU A 646 20.27 4.98 -8.47
C GLU A 646 19.78 5.62 -9.77
N HIS A 647 18.48 5.90 -9.81
CA HIS A 647 17.93 6.62 -10.95
C HIS A 647 18.42 8.07 -10.94
N PHE A 648 18.42 8.68 -9.76
CA PHE A 648 19.06 9.97 -9.57
C PHE A 648 20.57 9.80 -9.59
N THR A 649 21.21 10.44 -10.55
CA THR A 649 22.66 10.44 -10.64
C THR A 649 23.26 11.79 -10.28
N GLU A 650 22.45 12.78 -9.96
CA GLU A 650 23.00 14.11 -9.70
C GLU A 650 23.24 14.30 -8.22
N GLU A 651 24.19 15.20 -7.89
CA GLU A 651 24.54 15.44 -6.49
C GLU A 651 23.33 15.90 -5.69
N ALA A 652 22.61 16.92 -6.22
CA ALA A 652 21.53 17.55 -5.45
C ALA A 652 20.45 16.59 -5.01
N PRO A 653 19.80 15.83 -5.87
CA PRO A 653 18.79 14.90 -5.36
C PRO A 653 19.42 13.90 -4.41
N ARG A 654 20.64 13.46 -4.70
CA ARG A 654 21.30 12.48 -3.85
C ARG A 654 21.54 12.99 -2.43
N ARG A 655 21.91 14.27 -2.27
CA ARG A 655 21.86 14.88 -0.93
C ARG A 655 20.47 14.77 -0.30
N SER A 656 19.42 15.08 -1.08
CA SER A 656 18.08 15.11 -0.53
C SER A 656 17.68 13.73 -0.04
N ILE A 657 18.09 12.68 -0.77
CA ILE A 657 17.85 11.33 -0.31
C ILE A 657 18.54 11.11 1.03
N ALA A 658 19.80 11.49 1.11
CA ALA A 658 20.55 11.36 2.36
C ALA A 658 19.83 12.04 3.52
N THR A 659 19.34 13.26 3.31
CA THR A 659 18.60 13.95 4.35
C THR A 659 17.33 13.18 4.75
N PHE A 660 16.63 12.63 3.77
CA PHE A 660 15.43 11.84 4.03
C PHE A 660 15.78 10.58 4.83
N GLN A 661 16.88 9.94 4.49
CA GLN A 661 17.24 8.71 5.18
C GLN A 661 17.61 9.00 6.62
N SER A 662 18.39 10.05 6.87
CA SER A 662 18.78 10.26 8.26
C SER A 662 17.61 10.79 9.09
N ARG A 663 16.65 11.48 8.46
CA ARG A 663 15.50 11.91 9.24
C ARG A 663 14.63 10.70 9.62
N LEU A 664 14.46 9.75 8.72
CA LEU A 664 13.73 8.53 9.07
C LEU A 664 14.41 7.77 10.20
N ALA A 665 15.74 7.67 10.16
CA ALA A 665 16.45 6.97 11.22
C ALA A 665 16.22 7.64 12.57
N GLN A 666 16.16 8.98 12.58
CA GLN A 666 15.91 9.72 13.81
C GLN A 666 14.48 9.52 14.26
N ILE A 667 13.56 9.44 13.33
CA ILE A 667 12.18 9.13 13.71
C ILE A 667 12.11 7.73 14.32
N SER A 668 12.89 6.80 13.76
CA SER A 668 12.91 5.43 14.28
C SER A 668 13.45 5.36 15.69
N ARG A 669 14.44 6.19 16.00
CA ARG A 669 14.92 6.22 17.38
C ARG A 669 13.85 6.79 18.32
N GLY A 670 13.11 7.81 17.88
CA GLY A 670 12.03 8.32 18.71
C GLY A 670 11.03 7.23 19.03
N ILE A 671 10.72 6.41 18.04
CA ILE A 671 9.70 5.38 18.19
C ILE A 671 10.16 4.28 19.14
N GLN A 672 11.46 3.94 19.15
CA GLN A 672 11.89 2.93 20.12
C GLN A 672 11.92 3.53 21.52
N GLU A 673 12.35 4.78 21.64
CA GLU A 673 12.36 5.43 22.95
C GLU A 673 10.93 5.54 23.48
N ARG A 674 10.02 5.98 22.62
CA ARG A 674 8.61 6.06 22.99
C ARG A 674 8.11 4.70 23.47
N ASN A 675 8.31 3.69 22.64
CA ASN A 675 7.78 2.37 22.89
C ASN A 675 8.39 1.72 24.11
N GLN A 676 9.55 2.19 24.59
CA GLN A 676 10.19 1.57 25.73
C GLN A 676 9.25 1.51 26.94
N GLY A 677 8.52 2.58 27.20
CA GLY A 677 7.62 2.56 28.35
C GLY A 677 6.16 2.38 27.97
N LEU A 678 5.91 1.40 27.10
CA LEU A 678 4.54 1.06 26.72
C LEU A 678 4.35 -0.44 26.85
N VAL A 679 3.25 -0.83 27.49
CA VAL A 679 2.86 -2.23 27.55
C VAL A 679 2.52 -2.75 26.15
N LEU A 680 1.92 -1.90 25.31
CA LEU A 680 1.58 -2.28 23.94
C LEU A 680 2.23 -1.29 22.98
N PRO A 681 3.44 -1.58 22.51
CA PRO A 681 4.11 -0.61 21.64
C PRO A 681 3.46 -0.61 20.27
N TYR A 682 3.67 0.49 19.60
CA TYR A 682 3.12 0.74 18.27
C TYR A 682 4.34 0.71 17.34
N THR A 683 4.44 -0.34 16.53
CA THR A 683 5.58 -0.59 15.66
C THR A 683 5.25 -0.49 14.18
N TYR A 684 3.98 -0.29 13.80
CA TYR A 684 3.59 -0.43 12.40
C TYR A 684 4.15 0.69 11.52
N LEU A 685 4.57 1.81 12.11
CA LEU A 685 5.10 2.92 11.35
C LEU A 685 6.58 3.19 11.64
N ASP A 686 7.25 2.29 12.31
CA ASP A 686 8.71 2.37 12.46
C ASP A 686 9.36 2.27 11.09
N PRO A 687 10.11 3.28 10.65
CA PRO A 687 10.54 3.36 9.22
C PRO A 687 11.25 2.13 8.68
N PRO A 688 12.23 1.56 9.40
CA PRO A 688 12.86 0.31 8.93
C PRO A 688 11.89 -0.80 8.55
N LEU A 689 10.71 -0.81 9.15
CA LEU A 689 9.70 -1.82 8.91
C LEU A 689 8.63 -1.37 7.94
N ILE A 690 8.80 -0.21 7.31
CA ILE A 690 7.91 0.26 6.25
C ILE A 690 8.53 -0.05 4.90
N GLU A 691 7.80 -0.75 4.06
CA GLU A 691 8.30 -1.00 2.70
C GLU A 691 8.09 0.24 1.81
N ASN A 692 8.99 0.41 0.83
CA ASN A 692 8.89 1.53 -0.11
C ASN A 692 7.57 1.52 -0.89
N SER A 693 7.03 0.34 -1.18
CA SER A 693 5.89 0.17 -2.07
C SER A 693 4.87 -0.79 -1.43
N VAL A 694 3.77 -1.01 -2.12
CA VAL A 694 2.79 -2.01 -1.74
C VAL A 694 3.19 -3.27 -2.49
N SER A 695 3.65 -4.27 -1.77
CA SER A 695 4.18 -5.45 -2.40
C SER A 695 3.63 -6.73 -1.82
N ILE A 696 2.78 -6.65 -0.80
CA ILE A 696 2.13 -7.82 -0.20
C ILE A 696 0.68 -7.42 0.20
#